data_2XZI
#
_entry.id   2XZI
#
_cell.length_a   75.810
_cell.length_b   57.990
_cell.length_c   94.830
_cell.angle_alpha   90.00
_cell.angle_beta   100.14
_cell.angle_gamma   90.00
#
_symmetry.space_group_name_H-M   'P 1 21 1'
#
loop_
_entity.id
_entity.type
_entity.pdbx_description
1 polymer 'EXTRACELLULAR SIALIDASE/NEURAMINIDASE, PUTATIVE'
2 non-polymer 'deamino-alpha-neuraminic acid'
3 non-polymer 'SODIUM ION'
4 non-polymer GLYCEROL
5 non-polymer 'NITRITE ION'
6 water water
#
_entity_poly.entity_id   1
_entity_poly.type   'polypeptide(L)'
_entity_poly.pdbx_seq_one_letter_code
;INDPAKSAAPYHDEFPLFRSANMASPDKLSTGIGFHSFRIPAVVRTTTGRILAFAEGRRHTNQDFGDINLVYKRTKTTAN
NGASPSDWEPLREVVGSGAGTWGNPTPVVDDDNTIYLFLSWNGATYSQNGKDVLPDGTVTKKIDSTWEGRRHLYLTESRD
DGNTWSKPVDLTKELTPDGWAWDAVGPGNGIRLTTGELVIPAMGRNIIGRGAPGNRTWSVQRLSGAGAEGTIVQTPDGKL
YRNDRPSQKGYRMVARGTLEGFGAFAPDAGLPDPACQGSVLRYNSDAPARTIFLNSASGTSRRAMRVRISYDADAKKFNY
GRKLEDAKVSGAGHEGGYSSMTKTGDYKIGALVESDFFNDGTGKNSYRAIIWRRFNLSWILNGPNN
;
_entity_poly.pdbx_strand_id   A,B
#
# COMPACT_ATOMS: atom_id res chain seq x y z
N ASN A 2 -8.77 -9.12 -6.01
CA ASN A 2 -8.80 -7.86 -6.79
C ASN A 2 -7.49 -7.10 -6.67
N ASP A 3 -6.97 -6.62 -7.80
CA ASP A 3 -5.76 -5.81 -7.80
C ASP A 3 -6.03 -4.57 -8.64
N PRO A 4 -6.12 -3.41 -7.97
CA PRO A 4 -6.46 -2.15 -8.66
C PRO A 4 -5.42 -1.77 -9.69
N ALA A 5 -4.19 -2.29 -9.56
CA ALA A 5 -3.13 -1.95 -10.51
C ALA A 5 -3.43 -2.38 -11.94
N LYS A 6 -4.22 -3.43 -12.10
CA LYS A 6 -4.58 -3.90 -13.44
C LYS A 6 -5.33 -2.83 -14.24
N SER A 7 -5.97 -1.90 -13.52
CA SER A 7 -6.78 -0.86 -14.17
CA SER A 7 -6.78 -0.85 -14.15
C SER A 7 -5.96 0.33 -14.64
N ALA A 8 -4.71 0.44 -14.17
CA ALA A 8 -3.84 1.51 -14.62
C ALA A 8 -3.47 1.25 -16.08
N ALA A 9 -3.06 2.28 -16.81
CA ALA A 9 -2.53 2.08 -18.17
C ALA A 9 -1.23 1.28 -18.08
N PRO A 10 -1.13 0.17 -18.83
CA PRO A 10 0.11 -0.59 -18.87
C PRO A 10 1.26 0.28 -19.38
N TYR A 11 2.42 0.12 -18.78
CA TYR A 11 3.61 0.88 -19.15
C TYR A 11 4.77 -0.09 -19.29
N HIS A 12 5.52 0.04 -20.39
CA HIS A 12 6.82 -0.63 -20.47
C HIS A 12 7.72 0.13 -21.41
N ASP A 13 9.00 0.13 -21.09
CA ASP A 13 10.03 0.55 -22.04
CA ASP A 13 10.02 0.51 -22.05
C ASP A 13 11.30 -0.22 -21.72
N GLU A 14 12.16 -0.34 -22.72
CA GLU A 14 13.30 -1.22 -22.59
C GLU A 14 14.37 -0.81 -23.58
N PHE A 15 15.62 -0.94 -23.17
CA PHE A 15 16.76 -0.64 -24.02
C PHE A 15 18.04 -1.24 -23.44
N PRO A 16 19.05 -1.49 -24.28
CA PRO A 16 20.34 -1.94 -23.71
C PRO A 16 20.98 -0.87 -22.83
N LEU A 17 21.47 -1.28 -21.66
CA LEU A 17 22.15 -0.35 -20.77
C LEU A 17 23.65 -0.61 -20.68
N PHE A 18 24.05 -1.87 -20.81
CA PHE A 18 25.47 -2.21 -20.87
C PHE A 18 25.70 -2.88 -22.21
N ARG A 19 26.40 -2.15 -23.08
CA ARG A 19 26.56 -2.47 -24.49
C ARG A 19 27.90 -3.13 -24.73
N SER A 20 27.85 -4.38 -25.16
CA SER A 20 29.07 -5.19 -25.39
C SER A 20 29.92 -4.65 -26.54
N ALA A 21 31.16 -5.14 -26.63
CA ALA A 21 32.15 -4.59 -27.57
C ALA A 21 31.74 -4.67 -29.06
N ASN A 22 30.82 -5.57 -29.40
CA ASN A 22 30.34 -5.78 -30.77
C ASN A 22 29.28 -4.78 -31.22
N MET A 23 28.69 -4.06 -30.25
CA MET A 23 27.56 -3.18 -30.54
C MET A 23 28.05 -1.80 -30.94
N ALA A 24 27.19 -1.03 -31.64
CA ALA A 24 27.47 0.39 -31.85
C ALA A 24 27.52 1.09 -30.49
N SER A 25 28.39 2.10 -30.37
CA SER A 25 28.61 2.79 -29.10
C SER A 25 28.76 1.82 -27.92
N PRO A 26 29.79 0.94 -27.98
CA PRO A 26 30.03 0.02 -26.87
C PRO A 26 30.40 0.78 -25.60
N ASP A 27 30.07 0.22 -24.45
CA ASP A 27 30.38 0.91 -23.21
C ASP A 27 31.83 0.71 -22.81
N LYS A 28 32.54 1.82 -22.61
CA LYS A 28 33.93 1.84 -22.15
C LYS A 28 34.06 2.85 -21.02
N LEU A 29 35.07 2.66 -20.17
CA LEU A 29 35.42 3.65 -19.16
C LEU A 29 36.07 4.88 -19.78
N SER A 30 36.16 5.95 -19.01
CA SER A 30 36.75 7.21 -19.49
C SER A 30 38.22 7.04 -19.82
N THR A 31 38.85 6.02 -19.22
CA THR A 31 40.25 5.67 -19.50
C THR A 31 40.44 4.96 -20.83
N GLY A 32 39.34 4.63 -21.51
CA GLY A 32 39.40 3.92 -22.80
C GLY A 32 39.28 2.42 -22.65
N ILE A 33 39.29 1.94 -21.40
CA ILE A 33 39.16 0.51 -21.12
C ILE A 33 37.76 0.01 -21.51
N GLY A 34 37.73 -0.98 -22.41
CA GLY A 34 36.47 -1.56 -22.86
C GLY A 34 36.31 -2.99 -22.41
N PHE A 35 35.17 -3.57 -22.80
CA PHE A 35 34.79 -4.89 -22.30
C PHE A 35 34.10 -5.68 -23.39
N HIS A 36 34.56 -6.92 -23.56
CA HIS A 36 33.94 -7.84 -24.48
C HIS A 36 32.46 -8.01 -24.10
N SER A 37 32.23 -8.29 -22.83
CA SER A 37 30.91 -8.65 -22.30
C SER A 37 30.61 -7.99 -20.99
N PHE A 38 29.32 -7.82 -20.75
CA PHE A 38 28.82 -7.42 -19.44
C PHE A 38 27.87 -8.50 -18.99
N ARG A 39 28.09 -8.96 -17.76
CA ARG A 39 27.24 -10.00 -17.14
C ARG A 39 27.02 -9.68 -15.68
N ILE A 40 26.09 -10.42 -15.06
CA ILE A 40 25.92 -10.41 -13.61
C ILE A 40 25.41 -9.05 -13.09
N PRO A 41 24.19 -8.68 -13.48
CA PRO A 41 23.60 -7.38 -13.09
C PRO A 41 23.17 -7.27 -11.64
N ALA A 42 23.20 -6.05 -11.12
CA ALA A 42 22.59 -5.74 -9.83
C ALA A 42 22.08 -4.32 -9.93
N VAL A 43 20.91 -4.04 -9.38
CA VAL A 43 20.33 -2.69 -9.45
C VAL A 43 19.63 -2.32 -8.14
N VAL A 44 19.85 -1.08 -7.72
CA VAL A 44 19.14 -0.53 -6.58
C VAL A 44 18.70 0.89 -6.82
N ARG A 45 17.61 1.28 -6.17
CA ARG A 45 17.20 2.67 -6.11
C ARG A 45 17.63 3.19 -4.74
N THR A 46 18.29 4.34 -4.72
CA THR A 46 18.79 4.89 -3.45
C THR A 46 17.68 5.67 -2.77
N THR A 47 17.95 6.19 -1.58
CA THR A 47 16.86 6.91 -0.90
C THR A 47 16.52 8.24 -1.57
N THR A 48 17.37 8.71 -2.49
CA THR A 48 17.11 9.97 -3.19
C THR A 48 16.24 9.76 -4.41
N GLY A 49 16.12 8.50 -4.87
CA GLY A 49 15.48 8.23 -6.17
C GLY A 49 16.45 7.90 -7.31
N ARG A 50 17.73 8.17 -7.10
CA ARG A 50 18.75 7.81 -8.10
C ARG A 50 18.80 6.29 -8.23
N ILE A 51 19.05 5.82 -9.44
CA ILE A 51 19.19 4.38 -9.69
C ILE A 51 20.65 4.07 -9.97
N LEU A 52 21.17 3.03 -9.31
CA LEU A 52 22.54 2.54 -9.50
C LEU A 52 22.48 1.15 -10.09
N ALA A 53 23.08 0.99 -11.28
CA ALA A 53 23.16 -0.29 -11.97
C ALA A 53 24.60 -0.78 -12.03
N PHE A 54 24.83 -2.00 -11.56
CA PHE A 54 26.15 -2.61 -11.48
C PHE A 54 26.23 -3.81 -12.39
N ALA A 55 27.44 -4.12 -12.83
CA ALA A 55 27.67 -5.33 -13.61
C ALA A 55 29.15 -5.73 -13.53
N GLU A 56 29.41 -6.96 -13.94
CA GLU A 56 30.76 -7.40 -14.22
C GLU A 56 31.14 -7.01 -15.64
N GLY A 57 32.20 -6.22 -15.74
CA GLY A 57 32.79 -5.87 -17.04
C GLY A 57 33.82 -6.94 -17.32
N ARG A 58 33.47 -7.85 -18.21
CA ARG A 58 34.35 -8.97 -18.55
C ARG A 58 35.23 -8.57 -19.74
N ARG A 59 36.51 -8.36 -19.45
CA ARG A 59 37.38 -7.62 -20.35
C ARG A 59 37.55 -8.27 -21.70
N HIS A 60 37.89 -9.56 -21.71
CA HIS A 60 38.40 -10.19 -22.92
C HIS A 60 37.51 -11.24 -23.54
N THR A 61 36.70 -11.90 -22.71
CA THR A 61 35.81 -12.96 -23.17
C THR A 61 34.58 -12.88 -22.28
N ASN A 62 33.64 -13.80 -22.49
CA ASN A 62 32.45 -13.84 -21.62
C ASN A 62 32.64 -14.74 -20.40
N GLN A 63 33.86 -15.26 -20.20
CA GLN A 63 34.11 -16.26 -19.16
C GLN A 63 34.05 -15.68 -17.74
N ASP A 64 33.81 -16.56 -16.77
CA ASP A 64 33.63 -16.18 -15.36
C ASP A 64 34.95 -15.84 -14.67
N PHE A 65 36.07 -16.22 -15.28
CA PHE A 65 37.39 -16.05 -14.70
C PHE A 65 38.21 -15.16 -15.61
N GLY A 66 39.39 -14.75 -15.12
CA GLY A 66 40.23 -13.81 -15.85
C GLY A 66 39.97 -12.39 -15.40
N ASP A 67 40.40 -11.43 -16.22
CA ASP A 67 40.32 -10.03 -15.89
C ASP A 67 38.87 -9.53 -16.01
N ILE A 68 38.27 -9.26 -14.85
CA ILE A 68 36.87 -8.82 -14.77
C ILE A 68 36.83 -7.69 -13.77
N ASN A 69 36.26 -6.56 -14.19
CA ASN A 69 36.11 -5.38 -13.32
C ASN A 69 34.67 -5.16 -12.93
N LEU A 70 34.47 -4.55 -11.76
CA LEU A 70 33.12 -4.23 -11.33
C LEU A 70 32.79 -2.82 -11.78
N VAL A 71 31.84 -2.73 -12.70
CA VAL A 71 31.47 -1.46 -13.35
C VAL A 71 30.05 -1.05 -12.96
N TYR A 72 29.69 0.20 -13.24
CA TYR A 72 28.36 0.68 -12.92
C TYR A 72 27.96 1.89 -13.74
N LYS A 73 26.67 2.18 -13.72
CA LYS A 73 26.12 3.43 -14.22
C LYS A 73 25.11 3.95 -13.22
N ARG A 74 25.00 5.26 -13.13
CA ARG A 74 23.95 5.88 -12.34
C ARG A 74 23.03 6.65 -13.27
N THR A 75 21.80 6.87 -12.85
CA THR A 75 20.98 7.90 -13.47
C THR A 75 21.59 9.26 -13.19
N LYS A 76 21.48 10.14 -14.20
CA LYS A 76 22.07 11.48 -14.15
C LYS A 76 21.49 12.32 -13.02
N THR A 77 20.20 12.16 -12.76
CA THR A 77 19.55 12.89 -11.69
C THR A 77 18.84 11.91 -10.79
N THR A 78 18.38 12.41 -9.66
CA THR A 78 17.63 11.59 -8.71
C THR A 78 16.17 11.42 -9.12
N ALA A 79 15.73 12.15 -10.14
CA ALA A 79 14.31 12.23 -10.48
C ALA A 79 13.93 11.65 -11.84
N ASN A 80 14.93 11.30 -12.65
CA ASN A 80 14.62 10.90 -14.02
C ASN A 80 14.21 9.44 -14.19
N ASN A 81 14.47 8.65 -13.15
CA ASN A 81 13.99 7.26 -13.07
C ASN A 81 14.56 6.34 -14.17
N GLY A 82 15.61 6.78 -14.85
CA GLY A 82 16.25 5.98 -15.89
C GLY A 82 15.36 5.67 -17.07
N ALA A 83 14.44 6.60 -17.37
CA ALA A 83 13.38 6.34 -18.35
C ALA A 83 13.83 6.20 -19.80
N SER A 84 14.93 6.87 -20.15
CA SER A 84 15.42 6.86 -21.54
C SER A 84 16.93 6.71 -21.52
N PRO A 85 17.56 6.34 -22.65
CA PRO A 85 19.03 6.22 -22.65
C PRO A 85 19.76 7.50 -22.19
N SER A 86 19.24 8.66 -22.57
CA SER A 86 19.89 9.92 -22.22
C SER A 86 19.82 10.25 -20.72
N ASP A 87 19.03 9.49 -19.96
CA ASP A 87 18.92 9.69 -18.53
C ASP A 87 20.06 9.06 -17.72
N TRP A 88 20.90 8.29 -18.39
CA TRP A 88 21.95 7.50 -17.72
C TRP A 88 23.34 8.09 -17.95
N GLU A 89 24.13 8.12 -16.88
CA GLU A 89 25.54 8.50 -16.99
C GLU A 89 26.36 7.50 -17.82
N PRO A 90 27.55 7.91 -18.29
CA PRO A 90 28.48 6.95 -18.89
C PRO A 90 29.02 5.94 -17.88
N LEU A 91 29.55 4.85 -18.40
CA LEU A 91 30.11 3.78 -17.59
C LEU A 91 31.21 4.28 -16.65
N ARG A 92 31.14 3.83 -15.40
CA ARG A 92 32.17 4.08 -14.38
C ARG A 92 32.61 2.75 -13.77
N GLU A 93 33.62 2.79 -12.90
CA GLU A 93 34.20 1.61 -12.31
C GLU A 93 34.16 1.73 -10.79
N VAL A 94 33.70 0.67 -10.12
CA VAL A 94 33.78 0.60 -8.68
C VAL A 94 35.20 0.14 -8.31
N VAL A 95 35.64 -0.97 -8.91
CA VAL A 95 36.96 -1.54 -8.64
C VAL A 95 37.40 -2.37 -9.84
N GLY A 96 38.68 -2.27 -10.19
CA GLY A 96 39.23 -2.99 -11.36
C GLY A 96 40.69 -3.38 -11.19
N SER A 97 41.22 -3.19 -9.98
CA SER A 97 42.63 -3.43 -9.72
C SER A 97 43.11 -4.84 -10.04
N GLY A 98 44.25 -4.95 -10.72
CA GLY A 98 44.80 -6.26 -11.04
C GLY A 98 44.14 -6.91 -12.25
N ALA A 99 44.49 -8.17 -12.52
CA ALA A 99 43.92 -8.93 -13.65
C ALA A 99 43.08 -10.11 -13.14
N GLY A 100 42.71 -10.02 -11.86
CA GLY A 100 41.81 -10.97 -11.25
C GLY A 100 40.37 -10.59 -11.51
N THR A 101 39.47 -11.32 -10.84
CA THR A 101 38.04 -11.22 -11.04
C THR A 101 37.43 -10.47 -9.88
N TRP A 102 36.82 -9.32 -10.16
CA TRP A 102 35.96 -8.61 -9.21
C TRP A 102 34.53 -8.78 -9.69
N GLY A 103 33.67 -9.37 -8.87
CA GLY A 103 32.31 -9.63 -9.34
C GLY A 103 31.28 -9.93 -8.29
N ASN A 104 30.22 -10.60 -8.73
CA ASN A 104 29.05 -10.90 -7.88
C ASN A 104 28.49 -9.65 -7.17
N PRO A 105 28.23 -8.57 -7.91
CA PRO A 105 27.72 -7.40 -7.19
C PRO A 105 26.45 -7.70 -6.40
N THR A 106 26.46 -7.36 -5.11
CA THR A 106 25.30 -7.56 -4.23
C THR A 106 25.12 -6.31 -3.36
N PRO A 107 24.42 -5.31 -3.89
CA PRO A 107 24.22 -4.03 -3.20
C PRO A 107 23.04 -4.05 -2.25
N VAL A 108 23.08 -3.20 -1.21
CA VAL A 108 21.94 -2.91 -0.38
C VAL A 108 22.01 -1.45 0.07
N VAL A 109 20.89 -0.76 -0.02
CA VAL A 109 20.80 0.63 0.39
C VAL A 109 20.37 0.68 1.85
N ASP A 110 21.19 1.32 2.69
CA ASP A 110 20.88 1.47 4.11
C ASP A 110 20.05 2.74 4.37
N ASP A 111 19.52 2.88 5.60
CA ASP A 111 18.54 3.94 5.93
CA ASP A 111 18.53 3.93 5.88
C ASP A 111 19.09 5.35 5.80
N ASP A 112 20.40 5.49 5.99
CA ASP A 112 21.09 6.78 5.92
C ASP A 112 21.51 7.12 4.50
N ASN A 113 21.12 6.24 3.56
CA ASN A 113 21.58 6.27 2.17
C ASN A 113 23.03 5.86 1.91
N THR A 114 23.71 5.26 2.90
CA THR A 114 24.94 4.55 2.56
C THR A 114 24.56 3.38 1.63
N ILE A 115 25.24 3.29 0.50
CA ILE A 115 25.04 2.11 -0.34
C ILE A 115 26.20 1.15 -0.13
N TYR A 116 25.89 -0.01 0.45
CA TYR A 116 26.83 -1.06 0.63
C TYR A 116 26.87 -1.92 -0.62
N LEU A 117 28.07 -2.34 -1.03
CA LEU A 117 28.21 -3.27 -2.13
C LEU A 117 29.14 -4.40 -1.72
N PHE A 118 28.55 -5.57 -1.51
CA PHE A 118 29.34 -6.78 -1.32
C PHE A 118 29.76 -7.36 -2.67
N LEU A 119 30.95 -7.93 -2.71
CA LEU A 119 31.54 -8.44 -3.96
C LEU A 119 32.34 -9.69 -3.66
N SER A 120 32.50 -10.55 -4.67
CA SER A 120 33.42 -11.67 -4.62
C SER A 120 34.67 -11.32 -5.45
N TRP A 121 35.80 -11.92 -5.07
CA TRP A 121 37.06 -11.78 -5.79
C TRP A 121 37.74 -13.13 -5.89
N ASN A 122 38.44 -13.36 -6.99
CA ASN A 122 39.48 -14.40 -7.05
C ASN A 122 40.66 -13.91 -7.86
N GLY A 123 41.79 -14.60 -7.69
CA GLY A 123 43.01 -14.23 -8.36
C GLY A 123 43.03 -14.43 -9.86
N ALA A 124 43.98 -13.75 -10.50
CA ALA A 124 44.13 -13.70 -11.96
C ALA A 124 44.38 -15.06 -12.62
N THR A 125 44.94 -16.00 -11.87
CA THR A 125 45.37 -17.27 -12.44
C THR A 125 44.60 -18.43 -11.85
N TYR A 126 43.47 -18.13 -11.20
CA TYR A 126 42.57 -19.18 -10.69
C TYR A 126 41.22 -19.16 -11.37
N SER A 127 40.59 -20.32 -11.44
CA SER A 127 39.23 -20.45 -11.93
C SER A 127 38.48 -21.53 -11.14
N GLN A 128 37.15 -21.49 -11.19
CA GLN A 128 36.32 -22.42 -10.44
C GLN A 128 36.69 -23.88 -10.70
N ASN A 129 36.85 -24.24 -11.96
CA ASN A 129 37.18 -25.63 -12.32
C ASN A 129 38.68 -25.90 -12.43
N GLY A 130 39.47 -24.86 -12.66
CA GLY A 130 40.89 -25.04 -12.94
C GLY A 130 41.14 -25.54 -14.35
N LYS A 131 42.38 -25.44 -14.80
CA LYS A 131 42.80 -25.89 -16.14
C LYS A 131 42.06 -25.20 -17.29
N ASP A 132 41.60 -23.98 -17.03
CA ASP A 132 41.03 -23.13 -18.08
C ASP A 132 42.14 -22.31 -18.72
N VAL A 133 42.00 -22.03 -20.01
CA VAL A 133 43.04 -21.30 -20.73
C VAL A 133 42.70 -19.81 -20.77
N LEU A 134 43.61 -18.99 -20.25
CA LEU A 134 43.48 -17.54 -20.29
C LEU A 134 43.86 -17.00 -21.68
N PRO A 135 43.55 -15.72 -21.96
CA PRO A 135 43.87 -15.16 -23.28
C PRO A 135 45.34 -15.27 -23.70
N ASP A 136 46.25 -15.20 -22.74
CA ASP A 136 47.70 -15.28 -23.06
C ASP A 136 48.24 -16.71 -23.11
N GLY A 137 47.36 -17.70 -22.94
CA GLY A 137 47.77 -19.10 -22.97
C GLY A 137 48.06 -19.72 -21.61
N THR A 138 48.15 -18.88 -20.56
CA THR A 138 48.32 -19.36 -19.18
C THR A 138 47.18 -20.30 -18.81
N VAL A 139 47.50 -21.39 -18.13
CA VAL A 139 46.50 -22.36 -17.70
C VAL A 139 46.18 -22.08 -16.22
N THR A 140 44.89 -21.94 -15.89
CA THR A 140 44.51 -21.60 -14.51
C THR A 140 44.65 -22.75 -13.53
N LYS A 141 44.90 -22.39 -12.26
CA LYS A 141 44.83 -23.32 -11.15
C LYS A 141 43.39 -23.34 -10.66
N LYS A 142 42.96 -24.47 -10.10
CA LYS A 142 41.63 -24.57 -9.51
C LYS A 142 41.55 -23.76 -8.23
N ILE A 143 40.47 -23.00 -8.07
CA ILE A 143 40.19 -22.32 -6.81
C ILE A 143 40.34 -23.33 -5.67
N ASP A 144 41.09 -22.95 -4.65
CA ASP A 144 41.36 -23.87 -3.54
C ASP A 144 41.23 -23.15 -2.20
N SER A 145 41.62 -23.78 -1.10
CA SER A 145 41.37 -23.21 0.20
C SER A 145 42.50 -22.33 0.72
N THR A 146 43.51 -22.08 -0.10
CA THR A 146 44.62 -21.21 0.32
C THR A 146 44.18 -19.76 0.25
N TRP A 147 44.90 -18.88 0.94
CA TRP A 147 44.57 -17.46 0.94
C TRP A 147 44.64 -16.88 -0.47
N GLU A 148 45.64 -17.27 -1.23
CA GLU A 148 45.84 -16.76 -2.59
C GLU A 148 44.85 -17.37 -3.60
N GLY A 149 44.42 -18.61 -3.35
CA GLY A 149 43.61 -19.35 -4.32
C GLY A 149 42.12 -19.46 -4.04
N ARG A 150 41.66 -18.88 -2.92
CA ARG A 150 40.24 -19.00 -2.53
C ARG A 150 39.47 -17.82 -3.01
N ARG A 151 38.15 -17.96 -3.02
CA ARG A 151 37.27 -16.82 -3.28
C ARG A 151 37.17 -15.95 -2.03
N HIS A 152 37.40 -14.66 -2.20
CA HIS A 152 37.31 -13.66 -1.11
C HIS A 152 36.00 -12.93 -1.18
N LEU A 153 35.63 -12.33 -0.05
CA LEU A 153 34.44 -11.52 0.09
C LEU A 153 34.89 -10.12 0.48
N TYR A 154 34.55 -9.15 -0.36
CA TYR A 154 34.90 -7.77 -0.17
C TYR A 154 33.69 -6.89 0.06
N LEU A 155 33.90 -5.77 0.73
CA LEU A 155 32.85 -4.78 0.93
C LEU A 155 33.36 -3.39 0.59
N THR A 156 32.61 -2.70 -0.28
CA THR A 156 32.83 -1.27 -0.52
C THR A 156 31.51 -0.55 -0.22
N GLU A 157 31.59 0.76 -0.03
CA GLU A 157 30.37 1.54 0.14
C GLU A 157 30.51 2.92 -0.43
N SER A 158 29.37 3.55 -0.69
CA SER A 158 29.34 4.93 -1.15
C SER A 158 28.52 5.77 -0.18
N ARG A 159 29.03 6.97 0.11
CA ARG A 159 28.33 7.91 0.99
C ARG A 159 27.75 9.10 0.21
N ASP A 160 27.91 9.07 -1.11
CA ASP A 160 27.54 10.21 -1.96
C ASP A 160 26.66 9.77 -3.14
N ASP A 161 25.71 8.89 -2.82
CA ASP A 161 24.66 8.46 -3.76
C ASP A 161 25.28 7.75 -4.98
N GLY A 162 26.35 6.98 -4.73
CA GLY A 162 27.00 6.19 -5.78
C GLY A 162 28.05 6.92 -6.59
N ASN A 163 28.29 8.19 -6.29
CA ASN A 163 29.28 8.94 -7.08
C ASN A 163 30.71 8.41 -6.92
N THR A 164 31.07 8.04 -5.69
CA THR A 164 32.37 7.45 -5.43
C THR A 164 32.22 6.30 -4.44
N TRP A 165 33.23 5.44 -4.46
CA TRP A 165 33.27 4.17 -3.72
C TRP A 165 34.56 4.03 -2.96
N SER A 166 34.48 3.51 -1.74
CA SER A 166 35.66 3.25 -0.95
C SER A 166 36.49 2.09 -1.54
N LYS A 167 37.78 2.06 -1.26
CA LYS A 167 38.60 0.91 -1.64
C LYS A 167 38.00 -0.32 -0.95
N PRO A 168 37.70 -1.37 -1.72
CA PRO A 168 37.05 -2.52 -1.08
C PRO A 168 37.87 -3.12 0.05
N VAL A 169 37.20 -3.45 1.15
CA VAL A 169 37.83 -4.06 2.31
C VAL A 169 37.55 -5.56 2.31
N ASP A 170 38.58 -6.34 2.61
CA ASP A 170 38.50 -7.80 2.56
C ASP A 170 37.91 -8.32 3.88
N LEU A 171 36.71 -8.88 3.80
CA LEU A 171 35.99 -9.38 4.97
C LEU A 171 35.95 -10.89 5.03
N THR A 172 36.77 -11.55 4.22
CA THR A 172 36.78 -13.02 4.10
C THR A 172 36.94 -13.71 5.44
N LYS A 173 37.92 -13.27 6.24
CA LYS A 173 38.20 -13.95 7.50
C LYS A 173 37.07 -13.79 8.50
N GLU A 174 36.28 -12.73 8.34
CA GLU A 174 35.19 -12.41 9.25
CA GLU A 174 35.18 -12.42 9.27
C GLU A 174 33.87 -13.07 8.83
N LEU A 175 33.63 -13.14 7.52
CA LEU A 175 32.30 -13.47 7.02
C LEU A 175 32.23 -14.64 6.06
N THR A 176 33.37 -15.27 5.81
CA THR A 176 33.38 -16.54 5.05
C THR A 176 33.91 -17.63 5.98
N PRO A 177 33.22 -18.78 6.02
CA PRO A 177 33.76 -19.82 6.92
C PRO A 177 35.17 -20.25 6.53
N ASP A 178 35.95 -20.62 7.55
CA ASP A 178 37.31 -21.08 7.33
C ASP A 178 37.34 -22.40 6.54
N GLY A 179 38.38 -22.57 5.74
CA GLY A 179 38.54 -23.76 4.93
C GLY A 179 37.78 -23.75 3.61
N TRP A 180 37.03 -22.68 3.36
CA TRP A 180 36.31 -22.59 2.10
C TRP A 180 37.24 -22.27 0.92
N ALA A 181 36.84 -22.76 -0.25
CA ALA A 181 37.54 -22.47 -1.50
C ALA A 181 36.62 -21.61 -2.35
N TRP A 182 35.70 -22.22 -3.10
CA TRP A 182 34.70 -21.44 -3.82
C TRP A 182 33.81 -20.69 -2.82
N ASP A 183 33.35 -19.52 -3.24
CA ASP A 183 32.37 -18.74 -2.49
C ASP A 183 31.63 -17.85 -3.48
N ALA A 184 30.51 -17.32 -3.04
CA ALA A 184 29.73 -16.35 -3.82
C ALA A 184 28.90 -15.53 -2.88
N VAL A 185 28.74 -14.25 -3.18
CA VAL A 185 27.70 -13.41 -2.55
C VAL A 185 26.67 -13.07 -3.63
N GLY A 186 25.39 -13.06 -3.26
CA GLY A 186 24.33 -12.83 -4.24
C GLY A 186 24.49 -13.75 -5.45
N PRO A 187 24.53 -13.19 -6.67
CA PRO A 187 24.53 -11.76 -6.97
C PRO A 187 23.11 -11.21 -7.11
N GLY A 188 22.97 -9.90 -6.96
CA GLY A 188 21.67 -9.27 -7.15
C GLY A 188 21.43 -8.17 -6.14
N ASN A 189 20.94 -8.52 -4.96
CA ASN A 189 20.71 -7.50 -3.94
C ASN A 189 20.51 -8.08 -2.56
N GLY A 190 20.83 -7.27 -1.57
CA GLY A 190 20.39 -7.48 -0.19
C GLY A 190 19.16 -6.63 0.12
N ILE A 191 18.68 -6.76 1.36
CA ILE A 191 17.46 -6.08 1.79
C ILE A 191 17.60 -5.47 3.16
N ARG A 192 16.69 -4.55 3.47
CA ARG A 192 16.54 -3.99 4.81
C ARG A 192 15.18 -4.42 5.32
N LEU A 193 15.16 -4.99 6.53
CA LEU A 193 13.94 -5.55 7.12
C LEU A 193 13.10 -4.47 7.78
N THR A 194 11.80 -4.76 7.92
CA THR A 194 10.90 -3.88 8.68
C THR A 194 11.48 -3.62 10.07
N THR A 195 12.11 -4.63 10.66
CA THR A 195 12.69 -4.52 12.00
C THR A 195 14.07 -3.82 12.06
N GLY A 196 14.63 -3.48 10.90
CA GLY A 196 15.80 -2.61 10.82
C GLY A 196 17.11 -3.23 10.40
N GLU A 197 17.20 -4.56 10.43
CA GLU A 197 18.44 -5.26 10.06
C GLU A 197 18.64 -5.32 8.54
N LEU A 198 19.89 -5.48 8.14
CA LEU A 198 20.20 -5.80 6.74
C LEU A 198 20.40 -7.30 6.58
N VAL A 199 19.96 -7.85 5.46
CA VAL A 199 20.21 -9.24 5.15
C VAL A 199 20.72 -9.33 3.72
N ILE A 200 21.91 -9.91 3.59
CA ILE A 200 22.56 -10.11 2.30
C ILE A 200 22.70 -11.61 2.03
N PRO A 201 22.14 -12.08 0.92
CA PRO A 201 22.23 -13.52 0.66
C PRO A 201 23.58 -13.90 0.13
N ALA A 202 24.09 -15.04 0.55
CA ALA A 202 25.37 -15.56 0.09
C ALA A 202 25.35 -17.08 0.01
N MET A 203 26.45 -17.63 -0.49
CA MET A 203 26.55 -19.09 -0.60
C MET A 203 26.47 -19.72 0.81
N GLY A 204 25.51 -20.63 1.00
CA GLY A 204 25.37 -21.37 2.26
C GLY A 204 25.03 -20.54 3.50
N ARG A 205 24.68 -19.26 3.34
CA ARG A 205 24.56 -18.39 4.52
C ARG A 205 23.93 -17.06 4.15
N ASN A 206 23.35 -16.39 5.14
CA ASN A 206 23.04 -14.96 5.03
C ASN A 206 24.07 -14.18 5.80
N ILE A 207 24.38 -12.98 5.31
CA ILE A 207 25.19 -12.03 6.07
C ILE A 207 24.20 -11.03 6.67
N ILE A 208 24.27 -10.84 7.98
CA ILE A 208 23.32 -9.98 8.67
C ILE A 208 24.02 -8.74 9.18
N GLY A 209 23.42 -7.59 8.88
CA GLY A 209 23.93 -6.33 9.38
C GLY A 209 23.02 -5.80 10.45
N ARG A 210 23.63 -5.42 11.58
CA ARG A 210 22.89 -4.87 12.72
C ARG A 210 23.50 -3.55 13.16
N GLY A 211 22.69 -2.76 13.86
CA GLY A 211 23.17 -1.49 14.42
C GLY A 211 22.92 -0.31 13.52
N ALA A 212 23.78 0.70 13.67
CA ALA A 212 23.57 2.01 13.07
C ALA A 212 23.64 1.95 11.54
N PRO A 213 22.61 2.49 10.85
CA PRO A 213 22.67 2.54 9.39
C PRO A 213 23.98 3.09 8.83
N GLY A 214 24.56 2.36 7.90
CA GLY A 214 25.83 2.75 7.29
C GLY A 214 27.04 2.59 8.21
N ASN A 215 26.80 2.02 9.40
CA ASN A 215 27.89 1.69 10.33
CA ASN A 215 27.84 1.72 10.36
C ASN A 215 27.56 0.35 10.99
N ARG A 216 27.16 -0.60 10.17
CA ARG A 216 26.68 -1.89 10.65
C ARG A 216 27.77 -2.81 11.15
N THR A 217 27.40 -3.65 12.11
CA THR A 217 28.22 -4.78 12.45
C THR A 217 27.63 -6.02 11.76
N TRP A 218 28.53 -6.84 11.23
CA TRP A 218 28.14 -7.96 10.39
C TRP A 218 28.30 -9.26 11.14
N SER A 219 27.41 -10.21 10.86
CA SER A 219 27.57 -11.57 11.37
C SER A 219 27.05 -12.55 10.33
N VAL A 220 27.31 -13.83 10.54
CA VAL A 220 26.92 -14.86 9.58
C VAL A 220 25.82 -15.75 10.15
N GLN A 221 24.76 -15.93 9.39
CA GLN A 221 23.72 -16.89 9.68
C GLN A 221 23.89 -18.08 8.74
N ARG A 222 24.41 -19.17 9.26
CA ARG A 222 24.62 -20.36 8.41
C ARG A 222 23.29 -21.02 8.08
N LEU A 223 23.19 -21.50 6.84
CA LEU A 223 21.97 -22.14 6.35
C LEU A 223 22.23 -23.50 5.78
N SER A 224 21.51 -24.49 6.33
CA SER A 224 21.60 -25.85 5.85
CA SER A 224 21.58 -25.86 5.85
C SER A 224 20.75 -26.04 4.59
N GLY A 225 21.39 -26.49 3.52
CA GLY A 225 20.72 -26.75 2.26
C GLY A 225 20.65 -25.58 1.28
N ALA A 226 21.26 -24.44 1.62
CA ALA A 226 21.22 -23.27 0.74
C ALA A 226 22.09 -23.47 -0.48
N GLY A 227 21.76 -22.75 -1.54
CA GLY A 227 22.58 -22.76 -2.74
C GLY A 227 23.78 -21.84 -2.70
N ALA A 228 24.53 -21.83 -3.80
CA ALA A 228 25.63 -20.91 -3.98
C ALA A 228 25.13 -19.51 -4.33
N GLU A 229 24.08 -19.41 -5.15
CA GLU A 229 23.53 -18.13 -5.59
C GLU A 229 22.12 -17.97 -5.07
N GLY A 230 22.00 -17.21 -4.00
CA GLY A 230 20.73 -17.01 -3.33
C GLY A 230 20.11 -15.65 -3.52
N THR A 231 18.81 -15.61 -3.30
CA THR A 231 18.01 -14.39 -3.22
C THR A 231 17.29 -14.38 -1.89
N ILE A 232 17.01 -13.18 -1.38
CA ILE A 232 16.32 -12.99 -0.11
C ILE A 232 15.22 -11.94 -0.25
N VAL A 233 14.09 -12.21 0.39
CA VAL A 233 13.02 -11.22 0.51
C VAL A 233 12.37 -11.38 1.87
N GLN A 234 11.78 -10.28 2.35
CA GLN A 234 10.91 -10.33 3.50
C GLN A 234 9.50 -10.37 2.96
N THR A 235 8.80 -11.45 3.28
CA THR A 235 7.45 -11.69 2.78
C THR A 235 6.46 -10.82 3.55
N PRO A 236 5.21 -10.70 3.05
CA PRO A 236 4.29 -9.79 3.73
C PRO A 236 4.03 -10.13 5.19
N ASP A 237 4.12 -11.41 5.55
CA ASP A 237 4.03 -11.84 6.97
C ASP A 237 5.21 -11.41 7.85
N GLY A 238 6.24 -10.79 7.26
CA GLY A 238 7.42 -10.28 8.00
C GLY A 238 8.53 -11.30 8.15
N LYS A 239 8.27 -12.53 7.70
CA LYS A 239 9.25 -13.61 7.74
C LYS A 239 10.25 -13.46 6.59
N LEU A 240 11.36 -14.21 6.66
CA LEU A 240 12.37 -14.22 5.59
C LEU A 240 12.12 -15.38 4.65
N TYR A 241 12.56 -15.20 3.41
CA TYR A 241 12.32 -16.17 2.34
C TYR A 241 13.58 -16.20 1.49
N ARG A 242 14.25 -17.35 1.45
CA ARG A 242 15.36 -17.58 0.53
C ARG A 242 14.84 -18.31 -0.69
N ASN A 243 15.23 -17.84 -1.87
CA ASN A 243 14.86 -18.48 -3.12
C ASN A 243 16.14 -18.59 -3.94
N ASP A 244 16.68 -19.80 -3.98
CA ASP A 244 18.03 -20.03 -4.48
C ASP A 244 18.03 -20.76 -5.81
N ARG A 245 19.11 -20.56 -6.56
CA ARG A 245 19.41 -21.34 -7.75
C ARG A 245 19.70 -22.80 -7.35
N PRO A 246 19.06 -23.76 -8.04
CA PRO A 246 19.32 -25.16 -7.73
C PRO A 246 20.69 -25.61 -8.25
N SER A 247 21.26 -26.65 -7.62
CA SER A 247 22.53 -27.23 -8.11
C SER A 247 22.37 -27.93 -9.47
N GLN A 248 21.18 -28.48 -9.72
CA GLN A 248 20.85 -29.09 -11.00
CA GLN A 248 20.84 -29.10 -11.00
C GLN A 248 19.56 -28.48 -11.55
N LYS A 249 19.45 -28.46 -12.87
CA LYS A 249 18.28 -27.89 -13.54
C LYS A 249 16.99 -28.50 -13.01
N GLY A 250 15.95 -27.67 -12.90
CA GLY A 250 14.67 -28.13 -12.43
C GLY A 250 13.81 -26.98 -11.93
N TYR A 251 14.02 -26.63 -10.65
CA TYR A 251 13.15 -25.70 -9.92
C TYR A 251 13.95 -24.87 -8.93
N ARG A 252 13.42 -23.69 -8.64
CA ARG A 252 13.98 -22.87 -7.56
C ARG A 252 13.90 -23.60 -6.22
N MET A 253 14.90 -23.40 -5.37
CA MET A 253 14.94 -24.01 -4.05
C MET A 253 14.56 -22.96 -3.02
N VAL A 254 13.50 -23.22 -2.26
CA VAL A 254 12.94 -22.22 -1.34
C VAL A 254 13.03 -22.67 0.11
N ALA A 255 13.39 -21.74 0.99
CA ALA A 255 13.30 -21.95 2.43
C ALA A 255 12.78 -20.69 3.10
N ARG A 256 12.11 -20.87 4.24
CA ARG A 256 11.52 -19.76 4.99
C ARG A 256 12.06 -19.76 6.41
N GLY A 257 12.17 -18.57 6.99
CA GLY A 257 12.73 -18.45 8.32
C GLY A 257 12.67 -17.06 8.88
N THR A 258 13.49 -16.84 9.89
CA THR A 258 13.63 -15.55 10.55
C THR A 258 15.11 -15.41 10.89
N LEU A 259 15.48 -14.31 11.54
CA LEU A 259 16.85 -14.15 12.02
C LEU A 259 17.29 -15.18 13.06
N GLU A 260 16.32 -15.93 13.59
CA GLU A 260 16.63 -17.00 14.55
C GLU A 260 16.90 -18.34 13.88
N GLY A 261 16.57 -18.47 12.60
CA GLY A 261 16.81 -19.71 11.88
C GLY A 261 15.85 -19.99 10.73
N PHE A 262 16.26 -20.89 9.85
CA PHE A 262 15.47 -21.29 8.70
C PHE A 262 15.08 -22.74 8.74
N GLY A 263 13.96 -23.04 8.10
CA GLY A 263 13.56 -24.41 7.84
C GLY A 263 14.30 -24.95 6.64
N ALA A 264 13.90 -26.14 6.20
CA ALA A 264 14.55 -26.80 5.08
C ALA A 264 14.30 -26.14 3.74
N PHE A 265 15.30 -26.27 2.86
CA PHE A 265 15.13 -25.94 1.45
C PHE A 265 14.42 -27.06 0.72
N ALA A 266 13.48 -26.71 -0.14
CA ALA A 266 12.74 -27.67 -0.95
C ALA A 266 12.40 -27.04 -2.30
N PRO A 267 12.33 -27.87 -3.36
CA PRO A 267 12.04 -27.30 -4.67
C PRO A 267 10.63 -26.70 -4.70
N ASP A 268 10.47 -25.56 -5.37
CA ASP A 268 9.17 -24.95 -5.59
C ASP A 268 8.69 -25.36 -6.97
N ALA A 269 7.73 -26.28 -7.01
CA ALA A 269 7.28 -26.83 -8.28
C ALA A 269 6.58 -25.78 -9.16
N GLY A 270 6.23 -24.64 -8.56
CA GLY A 270 5.61 -23.53 -9.29
C GLY A 270 6.61 -22.66 -10.02
N LEU A 271 7.90 -22.88 -9.77
CA LEU A 271 8.98 -22.02 -10.30
C LEU A 271 10.10 -22.83 -10.98
N PRO A 272 9.84 -23.31 -12.20
CA PRO A 272 10.88 -23.97 -12.99
C PRO A 272 12.10 -23.04 -13.17
N ASP A 273 13.28 -23.63 -13.21
CA ASP A 273 14.51 -22.87 -13.33
C ASP A 273 15.55 -23.77 -14.01
N PRO A 274 16.40 -23.22 -14.89
CA PRO A 274 17.36 -24.04 -15.65
C PRO A 274 18.74 -24.08 -14.99
N ALA A 275 18.78 -23.90 -13.66
CA ALA A 275 20.03 -23.72 -12.92
C ALA A 275 20.68 -22.40 -13.36
N CYS A 276 20.03 -21.30 -12.97
CA CYS A 276 20.48 -19.95 -13.29
C CYS A 276 20.08 -19.05 -12.11
N GLN A 277 20.73 -17.91 -11.98
CA GLN A 277 20.34 -16.93 -10.98
C GLN A 277 18.94 -16.35 -11.28
N GLY A 278 18.25 -15.91 -10.23
CA GLY A 278 16.99 -15.19 -10.36
C GLY A 278 17.03 -13.97 -9.46
N SER A 279 15.90 -13.25 -9.40
CA SER A 279 15.78 -12.07 -8.55
C SER A 279 14.38 -12.03 -7.93
N VAL A 280 14.29 -11.38 -6.77
CA VAL A 280 13.04 -11.28 -6.02
C VAL A 280 12.98 -9.88 -5.40
N LEU A 281 11.76 -9.36 -5.18
CA LEU A 281 11.58 -7.98 -4.76
C LEU A 281 10.32 -7.82 -3.92
N ARG A 282 10.46 -7.21 -2.76
CA ARG A 282 9.30 -6.79 -1.98
C ARG A 282 8.77 -5.50 -2.61
N TYR A 283 7.53 -5.55 -3.09
CA TYR A 283 6.97 -4.40 -3.77
C TYR A 283 6.21 -3.44 -2.83
N ASN A 284 5.32 -3.99 -2.00
CA ASN A 284 4.46 -3.18 -1.14
C ASN A 284 3.82 -4.05 -0.07
N SER A 285 3.37 -3.41 1.01
CA SER A 285 2.90 -4.12 2.20
C SER A 285 1.39 -3.94 2.51
N ASP A 286 0.81 -2.84 2.05
CA ASP A 286 -0.61 -2.59 2.27
C ASP A 286 -1.40 -3.38 1.21
N ALA A 287 -2.69 -3.62 1.47
CA ALA A 287 -3.52 -4.42 0.57
C ALA A 287 -3.56 -3.83 -0.84
N PRO A 288 -3.29 -4.66 -1.86
CA PRO A 288 -2.83 -6.05 -1.70
C PRO A 288 -1.30 -6.11 -1.68
N ALA A 289 -0.74 -6.76 -0.66
CA ALA A 289 0.71 -6.92 -0.55
C ALA A 289 1.23 -7.77 -1.70
N ARG A 290 2.40 -7.40 -2.24
CA ARG A 290 2.95 -8.09 -3.40
C ARG A 290 4.45 -8.35 -3.28
N THR A 291 4.86 -9.55 -3.67
CA THR A 291 6.24 -9.92 -3.89
C THR A 291 6.36 -10.20 -5.36
N ILE A 292 7.45 -9.71 -5.97
CA ILE A 292 7.76 -9.90 -7.38
C ILE A 292 8.94 -10.89 -7.52
N PHE A 293 8.85 -11.77 -8.51
CA PHE A 293 9.91 -12.73 -8.81
C PHE A 293 10.23 -12.72 -10.30
N LEU A 294 11.51 -12.88 -10.64
CA LEU A 294 11.96 -12.92 -12.03
C LEU A 294 13.04 -13.96 -12.21
N ASN A 295 12.85 -14.83 -13.21
CA ASN A 295 13.86 -15.81 -13.60
C ASN A 295 13.52 -16.32 -14.98
N SER A 296 14.32 -17.27 -15.48
CA SER A 296 13.91 -17.94 -16.70
C SER A 296 13.02 -19.12 -16.33
N ALA A 297 11.75 -19.03 -16.71
CA ALA A 297 10.71 -20.00 -16.32
C ALA A 297 10.75 -21.23 -17.21
N SER A 298 11.84 -21.98 -17.08
CA SER A 298 12.09 -23.14 -17.91
C SER A 298 13.02 -24.04 -17.15
N GLY A 299 12.84 -25.34 -17.34
CA GLY A 299 13.73 -26.32 -16.75
C GLY A 299 15.01 -26.50 -17.56
N THR A 300 15.09 -25.93 -18.75
CA THR A 300 16.23 -26.15 -19.64
C THR A 300 16.91 -24.91 -20.24
N SER A 301 16.13 -23.85 -20.46
CA SER A 301 16.59 -22.68 -21.21
C SER A 301 16.66 -21.44 -20.34
N ARG A 302 17.66 -20.60 -20.60
CA ARG A 302 17.74 -19.29 -19.95
C ARG A 302 16.91 -18.24 -20.69
N ARG A 303 16.26 -18.63 -21.78
CA ARG A 303 15.58 -17.69 -22.67
C ARG A 303 14.07 -17.68 -22.47
N ALA A 304 13.63 -17.85 -21.24
CA ALA A 304 12.20 -17.89 -20.93
C ALA A 304 11.88 -16.91 -19.80
N MET A 305 12.44 -15.71 -19.87
CA MET A 305 12.32 -14.75 -18.77
C MET A 305 10.87 -14.40 -18.49
N ARG A 306 10.49 -14.50 -17.21
CA ARG A 306 9.12 -14.31 -16.79
C ARG A 306 9.11 -13.58 -15.46
N VAL A 307 8.41 -12.46 -15.42
CA VAL A 307 8.22 -11.73 -14.16
C VAL A 307 6.86 -12.09 -13.58
N ARG A 308 6.79 -12.31 -12.27
CA ARG A 308 5.60 -12.80 -11.60
C ARG A 308 5.29 -12.06 -10.31
N ILE A 309 4.02 -12.16 -9.89
CA ILE A 309 3.55 -11.57 -8.63
C ILE A 309 2.99 -12.65 -7.70
N SER A 310 3.34 -12.57 -6.42
CA SER A 310 2.62 -13.37 -5.41
C SER A 310 1.91 -12.43 -4.47
N TYR A 311 0.68 -12.77 -4.11
CA TYR A 311 -0.10 -12.06 -3.10
C TYR A 311 -0.10 -12.78 -1.76
N ASP A 312 0.58 -13.92 -1.69
CA ASP A 312 0.58 -14.74 -0.48
C ASP A 312 1.46 -14.16 0.61
N ALA A 313 1.00 -14.26 1.86
CA ALA A 313 1.77 -13.71 2.97
C ALA A 313 3.15 -14.34 3.16
N ASP A 314 3.31 -15.56 2.65
CA ASP A 314 4.56 -16.33 2.70
C ASP A 314 5.10 -16.59 1.30
N ALA A 315 4.57 -15.87 0.30
CA ALA A 315 4.94 -16.08 -1.12
C ALA A 315 4.86 -17.54 -1.56
N LYS A 316 3.86 -18.28 -1.07
CA LYS A 316 3.75 -19.69 -1.41
C LYS A 316 3.63 -19.89 -2.91
N LYS A 317 2.75 -19.13 -3.55
CA LYS A 317 2.46 -19.28 -4.97
C LYS A 317 2.57 -17.95 -5.70
N PHE A 318 3.25 -17.98 -6.84
CA PHE A 318 3.29 -16.87 -7.78
C PHE A 318 2.34 -17.13 -8.95
N ASN A 319 1.80 -16.06 -9.52
CA ASN A 319 0.95 -16.20 -10.70
C ASN A 319 1.80 -16.55 -11.92
N TYR A 320 1.16 -16.73 -13.07
CA TYR A 320 1.88 -16.99 -14.29
C TYR A 320 2.81 -15.81 -14.62
N GLY A 321 2.26 -14.61 -14.49
CA GLY A 321 3.02 -13.39 -14.73
C GLY A 321 3.02 -13.04 -16.20
N ARG A 322 4.14 -12.50 -16.66
CA ARG A 322 4.27 -12.12 -18.05
C ARG A 322 5.68 -12.41 -18.58
N LYS A 323 5.74 -12.94 -19.80
CA LYS A 323 7.00 -13.14 -20.47
C LYS A 323 7.59 -11.82 -20.88
N LEU A 324 8.87 -11.62 -20.58
CA LEU A 324 9.55 -10.40 -21.04
C LEU A 324 9.57 -10.26 -22.57
N GLU A 325 9.50 -11.40 -23.26
CA GLU A 325 9.51 -11.38 -24.72
CA GLU A 325 9.46 -11.44 -24.73
C GLU A 325 8.26 -10.72 -25.32
N ASP A 326 7.23 -10.49 -24.49
CA ASP A 326 6.06 -9.71 -24.93
C ASP A 326 6.42 -8.24 -25.22
N ALA A 327 7.54 -7.79 -24.65
CA ALA A 327 8.08 -6.46 -24.90
C ALA A 327 9.55 -6.64 -25.31
N LYS A 328 9.77 -7.28 -26.46
CA LYS A 328 11.12 -7.66 -26.89
C LYS A 328 11.98 -6.44 -27.24
N VAL A 329 13.28 -6.57 -26.96
CA VAL A 329 14.31 -5.63 -27.37
C VAL A 329 14.96 -6.20 -28.64
N SER A 330 15.22 -5.30 -29.59
CA SER A 330 15.90 -5.65 -30.83
C SER A 330 17.32 -5.10 -30.84
N GLY A 331 18.24 -5.89 -31.40
CA GLY A 331 19.62 -5.47 -31.62
C GLY A 331 20.58 -5.69 -30.47
N ALA A 332 20.13 -6.39 -29.44
CA ALA A 332 20.93 -6.62 -28.25
C ALA A 332 21.06 -8.10 -27.92
N GLY A 333 20.84 -8.94 -28.92
CA GLY A 333 21.02 -10.37 -28.77
C GLY A 333 19.79 -11.04 -28.23
N HIS A 334 19.97 -12.28 -27.79
CA HIS A 334 18.88 -13.06 -27.24
C HIS A 334 18.77 -12.82 -25.74
N GLU A 335 17.67 -12.20 -25.32
CA GLU A 335 17.46 -11.93 -23.89
C GLU A 335 17.27 -13.19 -23.08
N GLY A 336 17.97 -13.23 -21.95
CA GLY A 336 17.76 -14.28 -20.98
C GLY A 336 19.01 -14.59 -20.20
N GLY A 337 18.85 -14.71 -18.90
CA GLY A 337 19.96 -15.09 -18.01
C GLY A 337 19.70 -14.48 -16.64
N TYR A 338 20.79 -14.01 -16.02
CA TYR A 338 20.72 -13.38 -14.69
C TYR A 338 19.93 -12.07 -14.75
N SER A 339 19.34 -11.69 -13.62
CA SER A 339 18.50 -10.50 -13.57
C SER A 339 18.56 -9.84 -12.21
N SER A 340 18.10 -8.59 -12.14
CA SER A 340 18.01 -7.83 -10.90
C SER A 340 16.85 -6.86 -11.00
N MET A 341 16.10 -6.72 -9.91
CA MET A 341 14.98 -5.78 -9.88
C MET A 341 15.03 -4.79 -8.73
N THR A 342 14.51 -3.61 -9.00
CA THR A 342 14.28 -2.58 -8.00
C THR A 342 12.93 -1.90 -8.25
N LYS A 343 12.39 -1.26 -7.21
CA LYS A 343 11.31 -0.32 -7.44
C LYS A 343 11.90 1.01 -7.84
N THR A 344 11.29 1.69 -8.79
CA THR A 344 11.71 3.04 -9.18
C THR A 344 10.91 4.06 -8.41
N GLY A 345 11.37 5.31 -8.45
CA GLY A 345 10.68 6.42 -7.82
C GLY A 345 9.34 6.79 -8.42
N ASP A 346 9.06 6.30 -9.63
CA ASP A 346 7.81 6.59 -10.33
C ASP A 346 6.91 5.37 -10.46
N TYR A 347 6.93 4.51 -9.44
CA TYR A 347 5.95 3.43 -9.32
C TYR A 347 6.05 2.43 -10.48
N LYS A 348 7.29 2.13 -10.86
CA LYS A 348 7.57 1.07 -11.82
C LYS A 348 8.50 0.06 -11.18
N ILE A 349 8.59 -1.10 -11.82
CA ILE A 349 9.65 -2.06 -11.56
C ILE A 349 10.77 -1.80 -12.59
N GLY A 350 11.99 -1.68 -12.12
CA GLY A 350 13.14 -1.57 -12.99
C GLY A 350 13.92 -2.85 -12.90
N ALA A 351 14.20 -3.44 -14.05
CA ALA A 351 14.88 -4.73 -14.11
C ALA A 351 16.06 -4.68 -15.06
N LEU A 352 17.18 -5.25 -14.63
CA LEU A 352 18.31 -5.54 -15.50
C LEU A 352 18.25 -7.00 -15.87
N VAL A 353 18.47 -7.29 -17.15
CA VAL A 353 18.39 -8.67 -17.65
C VAL A 353 19.53 -8.92 -18.64
N GLU A 354 20.26 -10.00 -18.43
CA GLU A 354 21.29 -10.44 -19.37
C GLU A 354 20.72 -10.79 -20.74
N SER A 355 21.57 -10.60 -21.75
CA SER A 355 21.28 -10.97 -23.12
CA SER A 355 21.28 -11.00 -23.12
C SER A 355 22.55 -11.53 -23.77
N ASP A 356 22.39 -12.39 -24.77
CA ASP A 356 23.51 -13.12 -25.35
C ASP A 356 23.38 -13.14 -26.85
N PHE A 357 24.36 -12.57 -27.53
CA PHE A 357 24.32 -12.54 -28.99
C PHE A 357 24.49 -13.94 -29.58
N PHE A 358 25.18 -14.82 -28.86
CA PHE A 358 25.30 -16.23 -29.22
C PHE A 358 26.05 -16.43 -30.56
N ASN A 359 26.90 -15.47 -30.88
CA ASN A 359 27.68 -15.49 -32.13
C ASN A 359 28.74 -16.58 -32.12
N ASP A 360 29.13 -17.04 -30.93
CA ASP A 360 30.08 -18.14 -30.76
C ASP A 360 29.41 -19.30 -30.01
N GLY A 361 28.08 -19.35 -30.10
CA GLY A 361 27.30 -20.35 -29.36
C GLY A 361 27.58 -20.23 -27.87
N THR A 362 27.82 -21.37 -27.23
CA THR A 362 28.16 -21.41 -25.80
C THR A 362 29.61 -21.02 -25.54
N GLY A 363 30.34 -20.75 -26.60
CA GLY A 363 31.77 -20.43 -26.52
C GLY A 363 32.11 -19.06 -25.95
N LYS A 364 33.39 -18.88 -25.65
CA LYS A 364 33.91 -17.73 -24.90
C LYS A 364 33.78 -16.40 -25.63
N ASN A 365 33.60 -16.46 -26.94
CA ASN A 365 33.53 -15.22 -27.72
C ASN A 365 32.11 -14.70 -27.97
N SER A 366 31.10 -15.35 -27.41
CA SER A 366 29.74 -14.85 -27.52
C SER A 366 29.55 -13.58 -26.67
N TYR A 367 29.25 -12.48 -27.36
CA TYR A 367 29.09 -11.18 -26.71
C TYR A 367 27.86 -11.15 -25.80
N ARG A 368 28.07 -10.65 -24.58
CA ARG A 368 26.96 -10.56 -23.64
C ARG A 368 26.68 -9.12 -23.28
N ALA A 369 25.40 -8.76 -23.32
CA ALA A 369 24.95 -7.39 -23.01
C ALA A 369 23.91 -7.43 -21.89
N ILE A 370 23.61 -6.26 -21.34
CA ILE A 370 22.58 -6.17 -20.30
C ILE A 370 21.50 -5.15 -20.68
N ILE A 371 20.25 -5.61 -20.62
CA ILE A 371 19.08 -4.82 -20.96
C ILE A 371 18.51 -4.19 -19.70
N TRP A 372 18.08 -2.93 -19.80
CA TRP A 372 17.30 -2.27 -18.76
C TRP A 372 15.83 -2.19 -19.15
N ARG A 373 14.96 -2.58 -18.24
CA ARG A 373 13.53 -2.56 -18.49
C ARG A 373 12.86 -1.80 -17.37
N ARG A 374 11.83 -1.05 -17.75
CA ARG A 374 10.86 -0.50 -16.80
C ARG A 374 9.49 -1.00 -17.19
N PHE A 375 8.71 -1.43 -16.21
CA PHE A 375 7.31 -1.79 -16.49
C PHE A 375 6.53 -1.62 -15.21
N ASN A 376 5.24 -1.37 -15.32
CA ASN A 376 4.41 -1.29 -14.13
C ASN A 376 3.66 -2.59 -13.86
N LEU A 377 3.00 -2.62 -12.70
CA LEU A 377 2.23 -3.79 -12.31
C LEU A 377 1.16 -4.09 -13.34
N SER A 378 0.52 -3.03 -13.86
CA SER A 378 -0.49 -3.19 -14.89
C SER A 378 0.03 -3.96 -16.10
N TRP A 379 1.26 -3.67 -16.51
CA TRP A 379 1.84 -4.40 -17.63
C TRP A 379 1.92 -5.89 -17.33
N ILE A 380 2.37 -6.27 -16.14
CA ILE A 380 2.44 -7.68 -15.78
C ILE A 380 1.05 -8.30 -15.78
N LEU A 381 0.11 -7.64 -15.11
CA LEU A 381 -1.26 -8.17 -14.91
C LEU A 381 -2.10 -8.28 -16.17
N ASN A 382 -1.80 -7.47 -17.18
CA ASN A 382 -2.51 -7.50 -18.45
C ASN A 382 -1.86 -8.45 -19.47
N GLY A 383 -0.93 -9.27 -19.00
CA GLY A 383 -0.28 -10.28 -19.85
C GLY A 383 -1.30 -11.30 -20.34
N PRO A 384 -1.09 -11.85 -21.54
CA PRO A 384 -2.05 -12.73 -22.21
C PRO A 384 -2.19 -14.12 -21.57
N ASN A 385 -1.33 -14.46 -20.62
CA ASN A 385 -1.43 -15.76 -19.95
C ASN A 385 -1.66 -15.67 -18.43
N ASN A 386 -1.97 -14.46 -17.98
CA ASN A 386 -2.40 -14.22 -16.61
C ASN A 386 -2.20 -12.76 -16.26
N ASP B 3 0.60 10.76 -9.14
CA ASP B 3 -0.17 9.63 -8.54
C ASP B 3 -0.45 8.55 -9.59
N PRO B 4 0.07 7.33 -9.37
CA PRO B 4 -0.09 6.24 -10.34
C PRO B 4 -1.54 5.85 -10.61
N ALA B 5 -2.45 6.24 -9.72
CA ALA B 5 -3.86 5.88 -9.87
C ALA B 5 -4.53 6.72 -10.97
N LYS B 6 -3.88 7.82 -11.35
CA LYS B 6 -4.46 8.74 -12.32
C LYS B 6 -4.65 8.17 -13.73
N SER B 7 -3.82 7.20 -14.11
CA SER B 7 -3.86 6.68 -15.47
C SER B 7 -4.98 5.67 -15.74
N ALA B 8 -5.62 5.18 -14.68
CA ALA B 8 -6.84 4.38 -14.85
C ALA B 8 -7.96 5.21 -15.52
N ALA B 9 -8.82 4.54 -16.27
CA ALA B 9 -10.02 5.19 -16.81
C ALA B 9 -10.85 5.71 -15.62
N PRO B 10 -11.29 6.98 -15.65
CA PRO B 10 -12.09 7.46 -14.53
C PRO B 10 -13.38 6.66 -14.45
N TYR B 11 -13.79 6.37 -13.21
CA TYR B 11 -14.96 5.54 -12.95
C TYR B 11 -15.84 6.30 -11.96
N HIS B 12 -17.13 6.37 -12.26
CA HIS B 12 -18.10 6.83 -11.27
C HIS B 12 -19.47 6.23 -11.55
N ASP B 13 -20.18 5.90 -10.49
CA ASP B 13 -21.59 5.59 -10.56
CA ASP B 13 -21.61 5.70 -10.60
C ASP B 13 -22.29 6.22 -9.36
N GLU B 14 -23.57 6.53 -9.52
CA GLU B 14 -24.29 7.22 -8.46
C GLU B 14 -25.76 7.00 -8.63
N PHE B 15 -26.45 6.84 -7.50
CA PHE B 15 -27.90 6.65 -7.48
C PHE B 15 -28.45 6.80 -6.06
N PRO B 16 -29.73 7.13 -5.93
CA PRO B 16 -30.30 7.21 -4.59
C PRO B 16 -30.32 5.83 -3.94
N LEU B 17 -29.88 5.76 -2.68
CA LEU B 17 -29.94 4.51 -1.94
C LEU B 17 -31.01 4.50 -0.86
N PHE B 18 -31.33 5.67 -0.31
CA PHE B 18 -32.41 5.79 0.65
C PHE B 18 -33.37 6.80 0.07
N ARG B 19 -34.52 6.29 -0.36
CA ARG B 19 -35.46 7.01 -1.18
C ARG B 19 -36.60 7.50 -0.30
N SER B 20 -36.67 8.83 -0.18
CA SER B 20 -37.68 9.49 0.66
C SER B 20 -39.12 9.26 0.18
N ALA B 21 -40.08 9.57 1.05
CA ALA B 21 -41.49 9.19 0.84
C ALA B 21 -42.14 9.78 -0.43
N ASN B 22 -41.58 10.88 -0.91
CA ASN B 22 -42.07 11.53 -2.13
C ASN B 22 -41.62 10.82 -3.41
N MET B 23 -40.58 10.01 -3.34
CA MET B 23 -39.97 9.42 -4.54
C MET B 23 -40.74 8.20 -4.99
N ALA B 24 -40.65 7.87 -6.28
CA ALA B 24 -41.18 6.61 -6.77
C ALA B 24 -40.39 5.50 -6.07
N SER B 25 -41.06 4.38 -5.80
CA SER B 25 -40.46 3.28 -5.04
C SER B 25 -39.76 3.77 -3.78
N PRO B 26 -40.52 4.43 -2.87
CA PRO B 26 -39.91 4.90 -1.63
C PRO B 26 -39.44 3.74 -0.75
N ASP B 27 -38.40 3.97 0.03
CA ASP B 27 -37.90 2.92 0.91
C ASP B 27 -38.77 2.77 2.13
N LYS B 28 -39.26 1.54 2.31
CA LYS B 28 -40.08 1.16 3.44
C LYS B 28 -39.57 -0.13 4.00
N LEU B 29 -39.80 -0.34 5.29
CA LEU B 29 -39.55 -1.65 5.90
C LEU B 29 -40.55 -2.70 5.40
N SER B 30 -40.24 -3.96 5.64
CA SER B 30 -41.06 -5.09 5.17
C SER B 30 -42.46 -5.02 5.78
N THR B 31 -42.55 -4.36 6.93
CA THR B 31 -43.81 -4.12 7.64
C THR B 31 -44.66 -3.03 6.98
N GLY B 32 -44.11 -2.36 5.97
CA GLY B 32 -44.83 -1.28 5.31
C GLY B 32 -44.61 0.08 5.93
N ILE B 33 -43.85 0.12 7.03
CA ILE B 33 -43.48 1.40 7.67
C ILE B 33 -42.51 2.16 6.76
N GLY B 34 -42.94 3.35 6.34
CA GLY B 34 -42.11 4.26 5.55
C GLY B 34 -41.57 5.45 6.33
N PHE B 35 -40.84 6.30 5.63
CA PHE B 35 -40.15 7.43 6.26
C PHE B 35 -40.23 8.62 5.32
N HIS B 36 -40.70 9.72 5.87
CA HIS B 36 -40.66 11.01 5.20
C HIS B 36 -39.26 11.26 4.67
N SER B 37 -38.26 11.09 5.52
CA SER B 37 -36.91 11.51 5.21
C SER B 37 -35.87 10.51 5.73
N PHE B 38 -34.72 10.46 5.04
CA PHE B 38 -33.55 9.73 5.51
C PHE B 38 -32.41 10.72 5.64
N ARG B 39 -31.75 10.74 6.78
CA ARG B 39 -30.63 11.65 7.04
C ARG B 39 -29.55 10.93 7.82
N ILE B 40 -28.39 11.56 7.90
CA ILE B 40 -27.34 11.14 8.85
C ILE B 40 -26.76 9.77 8.44
N PRO B 41 -26.11 9.70 7.26
CA PRO B 41 -25.57 8.44 6.75
C PRO B 41 -24.32 7.94 7.46
N ALA B 42 -24.10 6.64 7.39
CA ALA B 42 -22.86 6.04 7.82
C ALA B 42 -22.65 4.80 6.97
N VAL B 43 -21.41 4.54 6.57
CA VAL B 43 -21.17 3.39 5.71
C VAL B 43 -19.86 2.73 6.07
N VAL B 44 -19.86 1.39 6.07
CA VAL B 44 -18.62 0.62 6.24
C VAL B 44 -18.59 -0.61 5.33
N ARG B 45 -17.38 -0.94 4.86
CA ARG B 45 -17.11 -2.24 4.23
C ARG B 45 -16.66 -3.20 5.34
N THR B 46 -17.27 -4.38 5.41
CA THR B 46 -16.87 -5.39 6.41
C THR B 46 -15.65 -6.15 5.93
N THR B 47 -15.13 -7.06 6.76
CA THR B 47 -13.94 -7.80 6.35
C THR B 47 -14.23 -8.80 5.23
N THR B 48 -15.51 -9.07 4.97
CA THR B 48 -15.92 -9.98 3.89
C THR B 48 -16.02 -9.28 2.56
N GLY B 49 -16.14 -7.95 2.58
CA GLY B 49 -16.41 -7.18 1.36
C GLY B 49 -17.84 -6.65 1.25
N ARG B 50 -18.73 -7.17 2.10
CA ARG B 50 -20.10 -6.67 2.16
C ARG B 50 -20.06 -5.22 2.62
N ILE B 51 -20.97 -4.42 2.07
CA ILE B 51 -21.08 -3.02 2.50
C ILE B 51 -22.35 -2.86 3.32
N LEU B 52 -22.23 -2.15 4.46
CA LEU B 52 -23.36 -1.84 5.32
C LEU B 52 -23.59 -0.34 5.31
N ALA B 53 -24.80 0.09 4.94
CA ALA B 53 -25.14 1.51 4.91
C ALA B 53 -26.23 1.76 5.93
N PHE B 54 -26.00 2.76 6.78
CA PHE B 54 -26.92 3.10 7.86
C PHE B 54 -27.49 4.51 7.67
N ALA B 55 -28.65 4.76 8.26
CA ALA B 55 -29.24 6.10 8.24
C ALA B 55 -30.26 6.24 9.31
N GLU B 56 -30.61 7.50 9.61
CA GLU B 56 -31.78 7.80 10.40
C GLU B 56 -32.99 7.80 9.49
N GLY B 57 -33.97 6.97 9.85
CA GLY B 57 -35.26 6.98 9.20
C GLY B 57 -36.16 7.90 9.99
N ARG B 58 -36.41 9.08 9.45
CA ARG B 58 -37.17 10.10 10.16
C ARG B 58 -38.62 9.94 9.69
N ARG B 59 -39.47 9.40 10.56
CA ARG B 59 -40.80 8.95 10.16
C ARG B 59 -41.72 9.97 9.50
N HIS B 60 -41.90 11.12 10.14
CA HIS B 60 -42.98 12.04 9.77
C HIS B 60 -42.56 13.36 9.20
N THR B 61 -41.35 13.79 9.52
CA THR B 61 -40.81 15.05 9.03
C THR B 61 -39.29 14.88 8.89
N ASN B 62 -38.61 15.95 8.48
CA ASN B 62 -37.15 15.93 8.41
C ASN B 62 -36.47 16.36 9.72
N GLN B 63 -37.26 16.62 10.76
CA GLN B 63 -36.72 17.18 12.01
C GLN B 63 -35.84 16.20 12.79
N ASP B 64 -35.00 16.74 13.66
CA ASP B 64 -33.97 15.97 14.38
C ASP B 64 -34.55 15.21 15.57
N PHE B 65 -35.78 15.54 15.93
CA PHE B 65 -36.45 14.97 17.10
C PHE B 65 -37.75 14.31 16.66
N GLY B 66 -38.40 13.66 17.62
CA GLY B 66 -39.58 12.86 17.37
C GLY B 66 -39.22 11.43 17.01
N ASP B 67 -40.10 10.79 16.27
CA ASP B 67 -40.00 9.37 16.02
C ASP B 67 -39.02 9.10 14.88
N ILE B 68 -37.84 8.61 15.25
CA ILE B 68 -36.74 8.39 14.31
C ILE B 68 -36.16 7.04 14.63
N ASN B 69 -36.01 6.21 13.61
CA ASN B 69 -35.49 4.85 13.75
C ASN B 69 -34.14 4.73 13.06
N LEU B 70 -33.33 3.78 13.48
CA LEU B 70 -32.02 3.58 12.85
C LEU B 70 -32.21 2.46 11.84
N VAL B 71 -32.05 2.81 10.56
CA VAL B 71 -32.32 1.86 9.47
C VAL B 71 -31.03 1.55 8.73
N TYR B 72 -31.05 0.51 7.89
CA TYR B 72 -29.86 0.14 7.14
C TYR B 72 -30.19 -0.69 5.93
N LYS B 73 -29.21 -0.78 5.03
CA LYS B 73 -29.22 -1.74 3.94
C LYS B 73 -27.85 -2.38 3.85
N ARG B 74 -27.80 -3.61 3.36
CA ARG B 74 -26.55 -4.27 3.04
C ARG B 74 -26.49 -4.57 1.56
N THR B 75 -25.30 -4.73 1.02
CA THR B 75 -25.19 -5.35 -0.29
C THR B 75 -25.63 -6.80 -0.17
N LYS B 76 -26.28 -7.29 -1.23
CA LYS B 76 -26.86 -8.64 -1.24
C LYS B 76 -25.81 -9.72 -1.08
N THR B 77 -24.62 -9.47 -1.64
CA THR B 77 -23.52 -10.41 -1.55
C THR B 77 -22.29 -9.68 -1.02
N THR B 78 -21.26 -10.44 -0.68
CA THR B 78 -20.00 -9.86 -0.24
C THR B 78 -19.15 -9.36 -1.42
N ALA B 79 -19.52 -9.73 -2.65
CA ALA B 79 -18.71 -9.48 -3.83
C ALA B 79 -19.21 -8.39 -4.79
N ASN B 80 -20.47 -7.95 -4.65
CA ASN B 80 -21.04 -7.07 -5.69
C ASN B 80 -20.65 -5.59 -5.56
N ASN B 81 -20.08 -5.22 -4.41
CA ASN B 81 -19.55 -3.88 -4.14
C ASN B 81 -20.59 -2.75 -4.25
N GLY B 82 -21.88 -3.09 -4.20
CA GLY B 82 -22.97 -2.10 -4.30
C GLY B 82 -23.00 -1.28 -5.58
N ALA B 83 -22.59 -1.89 -6.72
CA ALA B 83 -22.40 -1.14 -7.96
C ALA B 83 -23.67 -0.67 -8.65
N SER B 84 -24.75 -1.42 -8.45
CA SER B 84 -26.07 -1.12 -9.06
C SER B 84 -27.17 -1.12 -7.98
N PRO B 85 -28.30 -0.44 -8.22
CA PRO B 85 -29.36 -0.45 -7.20
C PRO B 85 -29.80 -1.87 -6.81
N SER B 86 -29.91 -2.76 -7.79
CA SER B 86 -30.34 -4.12 -7.51
C SER B 86 -29.32 -4.95 -6.74
N ASP B 87 -28.12 -4.40 -6.52
CA ASP B 87 -27.10 -5.05 -5.70
C ASP B 87 -27.35 -4.90 -4.21
N TRP B 88 -28.30 -4.04 -3.86
CA TRP B 88 -28.61 -3.76 -2.44
C TRP B 88 -29.90 -4.42 -1.99
N GLU B 89 -29.85 -4.95 -0.78
CA GLU B 89 -31.03 -5.51 -0.12
C GLU B 89 -32.05 -4.42 0.15
N PRO B 90 -33.31 -4.81 0.35
CA PRO B 90 -34.32 -3.85 0.79
C PRO B 90 -34.02 -3.29 2.21
N LEU B 91 -34.64 -2.17 2.54
CA LEU B 91 -34.46 -1.51 3.85
C LEU B 91 -34.78 -2.41 5.03
N ARG B 92 -33.88 -2.39 6.02
CA ARG B 92 -34.11 -3.07 7.28
C ARG B 92 -33.93 -2.09 8.42
N GLU B 93 -34.23 -2.55 9.63
CA GLU B 93 -34.18 -1.70 10.82
C GLU B 93 -33.21 -2.29 11.85
N VAL B 94 -32.25 -1.46 12.32
CA VAL B 94 -31.39 -1.87 13.43
C VAL B 94 -32.17 -1.77 14.73
N VAL B 95 -32.75 -0.60 14.98
CA VAL B 95 -33.53 -0.36 16.20
C VAL B 95 -34.56 0.72 15.94
N GLY B 96 -35.75 0.52 16.48
CA GLY B 96 -36.82 1.49 16.32
C GLY B 96 -37.80 1.57 17.48
N SER B 97 -37.48 0.89 18.58
CA SER B 97 -38.33 0.89 19.79
C SER B 97 -38.78 2.28 20.27
N GLY B 98 -40.07 2.40 20.52
CA GLY B 98 -40.65 3.63 21.03
C GLY B 98 -40.74 4.73 19.99
N ALA B 99 -41.26 5.88 20.43
CA ALA B 99 -41.45 7.03 19.57
C ALA B 99 -40.30 8.02 19.77
N GLY B 100 -39.25 7.59 20.47
CA GLY B 100 -38.04 8.38 20.65
C GLY B 100 -37.12 8.40 19.44
N THR B 101 -35.95 8.98 19.61
CA THR B 101 -35.03 9.23 18.53
C THR B 101 -33.84 8.31 18.68
N TRP B 102 -33.66 7.42 17.70
CA TRP B 102 -32.47 6.59 17.58
C TRP B 102 -31.67 7.09 16.40
N GLY B 103 -30.43 7.50 16.64
CA GLY B 103 -29.67 8.10 15.54
C GLY B 103 -28.19 8.19 15.74
N ASN B 104 -27.57 9.08 14.96
CA ASN B 104 -26.12 9.29 14.99
C ASN B 104 -25.33 8.00 14.73
N PRO B 105 -25.70 7.24 13.68
CA PRO B 105 -24.94 6.00 13.47
C PRO B 105 -23.45 6.22 13.32
N THR B 106 -22.66 5.48 14.10
CA THR B 106 -21.21 5.59 14.07
C THR B 106 -20.60 4.19 14.18
N PRO B 107 -20.49 3.51 13.04
CA PRO B 107 -20.02 2.13 13.03
C PRO B 107 -18.52 2.02 12.93
N VAL B 108 -18.01 0.87 13.38
CA VAL B 108 -16.63 0.49 13.17
C VAL B 108 -16.55 -1.03 13.08
N VAL B 109 -15.78 -1.51 12.11
CA VAL B 109 -15.59 -2.94 11.87
C VAL B 109 -14.34 -3.41 12.59
N ASP B 110 -14.48 -4.41 13.46
CA ASP B 110 -13.35 -4.92 14.23
C ASP B 110 -12.68 -6.10 13.50
N ASP B 111 -11.52 -6.54 14.01
CA ASP B 111 -10.68 -7.51 13.29
C ASP B 111 -11.35 -8.86 13.04
N ASP B 112 -12.25 -9.22 13.94
CA ASP B 112 -12.99 -10.48 13.86
C ASP B 112 -14.24 -10.40 12.99
N ASN B 113 -14.45 -9.22 12.39
CA ASN B 113 -15.69 -8.86 11.65
C ASN B 113 -16.90 -8.61 12.53
N THR B 114 -16.69 -8.45 13.84
CA THR B 114 -17.79 -7.88 14.64
C THR B 114 -17.96 -6.43 14.16
N ILE B 115 -19.18 -6.05 13.84
CA ILE B 115 -19.44 -4.65 13.48
C ILE B 115 -20.10 -4.00 14.66
N TYR B 116 -19.37 -3.08 15.28
CA TYR B 116 -19.90 -2.26 16.35
C TYR B 116 -20.64 -1.06 15.76
N LEU B 117 -21.77 -0.71 16.37
CA LEU B 117 -22.49 0.49 15.96
C LEU B 117 -22.85 1.29 17.20
N PHE B 118 -22.15 2.41 17.38
CA PHE B 118 -22.52 3.37 18.40
C PHE B 118 -23.64 4.27 17.89
N LEU B 119 -24.51 4.66 18.81
CA LEU B 119 -25.73 5.39 18.50
CA LEU B 119 -25.61 5.51 18.44
C LEU B 119 -26.03 6.39 19.60
N SER B 120 -26.73 7.47 19.24
CA SER B 120 -27.29 8.38 20.24
C SER B 120 -28.80 8.13 20.36
N TRP B 121 -29.36 8.47 21.51
CA TRP B 121 -30.80 8.35 21.75
C TRP B 121 -31.27 9.52 22.57
N ASN B 122 -32.47 9.99 22.27
CA ASN B 122 -33.23 10.81 23.22
C ASN B 122 -34.68 10.41 23.21
N GLY B 123 -35.38 10.81 24.26
CA GLY B 123 -36.79 10.46 24.43
C GLY B 123 -37.71 11.11 23.45
N ALA B 124 -38.90 10.50 23.35
CA ALA B 124 -39.99 10.87 22.44
C ALA B 124 -40.45 12.32 22.59
N THR B 125 -40.35 12.84 23.81
CA THR B 125 -40.93 14.13 24.14
C THR B 125 -39.86 15.22 24.36
N TYR B 126 -38.62 14.93 23.95
CA TYR B 126 -37.51 15.87 24.15
C TYR B 126 -36.90 16.30 22.83
N SER B 127 -36.42 17.54 22.79
CA SER B 127 -35.66 18.00 21.63
C SER B 127 -34.53 18.91 22.08
N GLN B 128 -33.54 19.09 21.21
CA GLN B 128 -32.36 19.89 21.55
C GLN B 128 -32.71 21.26 22.12
N ASN B 129 -33.56 21.98 21.40
CA ASN B 129 -33.95 23.34 21.78
C ASN B 129 -35.13 23.38 22.75
N GLY B 130 -35.97 22.34 22.72
CA GLY B 130 -37.21 22.36 23.49
C GLY B 130 -38.28 23.23 22.86
N LYS B 131 -39.52 23.02 23.30
CA LYS B 131 -40.69 23.77 22.83
C LYS B 131 -40.95 23.62 21.33
N ASP B 132 -40.49 22.51 20.76
CA ASP B 132 -40.82 22.15 19.38
C ASP B 132 -42.15 21.41 19.35
N VAL B 133 -42.95 21.67 18.32
CA VAL B 133 -44.24 20.98 18.18
C VAL B 133 -44.09 19.68 17.36
N LEU B 134 -44.52 18.57 17.96
CA LEU B 134 -44.50 17.27 17.30
C LEU B 134 -45.70 17.15 16.36
N PRO B 135 -45.74 16.11 15.53
CA PRO B 135 -46.87 15.93 14.61
C PRO B 135 -48.27 15.86 15.26
N ASP B 136 -48.35 15.29 16.47
CA ASP B 136 -49.63 15.14 17.17
C ASP B 136 -49.96 16.34 18.06
N GLY B 137 -49.19 17.42 17.91
CA GLY B 137 -49.46 18.66 18.61
C GLY B 137 -48.79 18.78 19.97
N THR B 138 -48.22 17.69 20.47
CA THR B 138 -47.43 17.76 21.73
C THR B 138 -46.17 18.63 21.60
N VAL B 139 -45.91 19.40 22.65
CA VAL B 139 -44.79 20.33 22.70
C VAL B 139 -43.65 19.66 23.48
N THR B 140 -42.46 19.63 22.91
CA THR B 140 -41.32 18.94 23.51
C THR B 140 -40.75 19.69 24.71
N LYS B 141 -40.11 18.95 25.61
CA LYS B 141 -39.26 19.52 26.64
C LYS B 141 -37.84 19.65 26.09
N LYS B 142 -37.08 20.62 26.59
CA LYS B 142 -35.68 20.78 26.19
C LYS B 142 -34.83 19.69 26.81
N ILE B 143 -33.97 19.09 26.00
CA ILE B 143 -32.99 18.11 26.48
CA ILE B 143 -33.05 18.08 26.52
C ILE B 143 -32.27 18.68 27.71
N ASP B 144 -32.20 17.91 28.78
CA ASP B 144 -31.57 18.37 30.03
C ASP B 144 -30.67 17.29 30.63
N SER B 145 -30.17 17.50 31.84
CA SER B 145 -29.19 16.60 32.44
C SER B 145 -29.82 15.47 33.26
N THR B 146 -31.16 15.39 33.27
CA THR B 146 -31.82 14.26 33.93
C THR B 146 -31.66 12.96 33.14
N TRP B 147 -31.84 11.82 33.80
CA TRP B 147 -31.71 10.53 33.12
C TRP B 147 -32.70 10.43 31.96
N GLU B 148 -33.95 10.79 32.21
CA GLU B 148 -35.04 10.76 31.23
CA GLU B 148 -34.97 10.69 31.17
C GLU B 148 -34.86 11.76 30.09
N GLY B 149 -34.24 12.90 30.40
CA GLY B 149 -34.17 14.00 29.45
C GLY B 149 -32.85 14.25 28.75
N ARG B 150 -31.84 13.46 29.06
CA ARG B 150 -30.51 13.65 28.47
C ARG B 150 -30.39 12.79 27.22
N ARG B 151 -29.35 13.08 26.45
CA ARG B 151 -28.98 12.23 25.33
C ARG B 151 -28.15 11.07 25.83
N HIS B 152 -28.54 9.86 25.42
CA HIS B 152 -27.88 8.64 25.83
C HIS B 152 -26.98 8.13 24.71
N LEU B 153 -26.05 7.27 25.08
CA LEU B 153 -25.12 6.64 24.15
C LEU B 153 -25.34 5.14 24.22
N TYR B 154 -25.67 4.56 23.08
CA TYR B 154 -25.97 3.14 23.00
C TYR B 154 -24.97 2.44 22.10
N LEU B 155 -24.80 1.14 22.33
CA LEU B 155 -23.97 0.30 21.49
C LEU B 155 -24.76 -0.94 21.10
N THR B 156 -24.77 -1.24 19.81
CA THR B 156 -25.23 -2.53 19.30
C THR B 156 -24.10 -3.12 18.45
N GLU B 157 -24.20 -4.41 18.19
CA GLU B 157 -23.20 -5.01 17.32
C GLU B 157 -23.79 -6.18 16.56
N SER B 158 -23.11 -6.51 15.48
CA SER B 158 -23.48 -7.65 14.64
C SER B 158 -22.34 -8.64 14.56
N ARG B 159 -22.68 -9.93 14.70
CA ARG B 159 -21.72 -11.01 14.57
C ARG B 159 -21.91 -11.80 13.27
N ASP B 160 -22.86 -11.37 12.43
CA ASP B 160 -23.17 -12.08 11.18
C ASP B 160 -23.18 -11.15 9.96
N ASP B 161 -22.15 -10.30 9.87
CA ASP B 161 -21.92 -9.49 8.67
C ASP B 161 -23.10 -8.52 8.46
N GLY B 162 -23.69 -8.06 9.56
CA GLY B 162 -24.77 -7.07 9.49
C GLY B 162 -26.16 -7.67 9.36
N ASN B 163 -26.27 -8.99 9.29
CA ASN B 163 -27.58 -9.59 9.11
C ASN B 163 -28.54 -9.28 10.25
N THR B 164 -28.04 -9.42 11.48
CA THR B 164 -28.81 -9.16 12.67
C THR B 164 -27.99 -8.32 13.65
N TRP B 165 -28.71 -7.66 14.55
CA TRP B 165 -28.12 -6.71 15.51
C TRP B 165 -28.59 -7.05 16.90
N SER B 166 -27.68 -6.92 17.86
CA SER B 166 -28.04 -7.14 19.27
C SER B 166 -28.91 -6.02 19.83
N LYS B 167 -29.67 -6.30 20.89
CA LYS B 167 -30.43 -5.26 21.54
C LYS B 167 -29.44 -4.18 22.00
N PRO B 168 -29.70 -2.91 21.64
CA PRO B 168 -28.69 -1.89 22.01
C PRO B 168 -28.53 -1.77 23.53
N VAL B 169 -27.30 -1.58 23.96
CA VAL B 169 -26.99 -1.47 25.38
C VAL B 169 -26.65 -0.02 25.73
N ASP B 170 -27.22 0.48 26.81
CA ASP B 170 -27.00 1.87 27.21
C ASP B 170 -25.65 2.02 27.94
N LEU B 171 -24.71 2.72 27.32
CA LEU B 171 -23.37 2.92 27.91
C LEU B 171 -23.15 4.35 28.40
N THR B 172 -24.25 5.09 28.54
CA THR B 172 -24.20 6.51 28.96
C THR B 172 -23.38 6.72 30.25
N LYS B 173 -23.66 5.93 31.29
CA LYS B 173 -22.98 6.16 32.58
C LYS B 173 -21.49 5.86 32.50
N GLU B 174 -21.12 4.96 31.59
CA GLU B 174 -19.74 4.53 31.40
CA GLU B 174 -19.73 4.57 31.42
C GLU B 174 -18.93 5.50 30.51
N LEU B 175 -19.59 6.00 29.45
CA LEU B 175 -18.88 6.66 28.35
C LEU B 175 -19.33 8.08 28.03
N THR B 176 -20.23 8.63 28.83
CA THR B 176 -20.63 10.03 28.70
C THR B 176 -20.37 10.72 30.02
N PRO B 177 -19.79 11.92 29.99
CA PRO B 177 -19.49 12.60 31.25
C PRO B 177 -20.77 12.88 32.04
N ASP B 178 -20.65 12.83 33.36
CA ASP B 178 -21.78 13.16 34.23
C ASP B 178 -22.18 14.60 34.09
N GLY B 179 -23.48 14.88 34.25
CA GLY B 179 -23.97 16.25 34.16
C GLY B 179 -24.26 16.72 32.76
N TRP B 180 -23.93 15.90 31.76
CA TRP B 180 -24.25 16.26 30.37
C TRP B 180 -25.73 16.19 30.02
N ALA B 181 -26.12 17.06 29.09
CA ALA B 181 -27.47 17.07 28.56
C ALA B 181 -27.40 16.61 27.11
N TRP B 182 -27.12 17.53 26.19
CA TRP B 182 -26.89 17.15 24.79
C TRP B 182 -25.64 16.28 24.72
N ASP B 183 -25.63 15.38 23.73
CA ASP B 183 -24.49 14.56 23.40
C ASP B 183 -24.67 14.09 21.97
N ALA B 184 -23.57 13.65 21.38
CA ALA B 184 -23.60 13.06 20.03
C ALA B 184 -22.43 12.15 19.91
N VAL B 185 -22.61 11.06 19.18
CA VAL B 185 -21.49 10.23 18.74
C VAL B 185 -21.40 10.38 17.21
N GLY B 186 -20.18 10.43 16.69
CA GLY B 186 -19.98 10.70 15.27
C GLY B 186 -20.80 11.89 14.81
N PRO B 187 -21.63 11.75 13.76
CA PRO B 187 -21.96 10.51 13.09
C PRO B 187 -21.03 10.24 11.93
N GLY B 188 -20.94 8.97 11.54
CA GLY B 188 -20.18 8.60 10.36
C GLY B 188 -19.45 7.29 10.52
N ASN B 189 -18.30 7.30 11.20
CA ASN B 189 -17.55 6.07 11.42
C ASN B 189 -16.46 6.21 12.48
N GLY B 190 -16.11 5.07 13.07
CA GLY B 190 -14.89 4.92 13.87
C GLY B 190 -13.79 4.24 13.05
N ILE B 191 -12.63 4.07 13.67
CA ILE B 191 -11.47 3.47 13.01
C ILE B 191 -10.77 2.41 13.87
N ARG B 192 -9.99 1.57 13.22
CA ARG B 192 -9.08 0.62 13.87
C ARG B 192 -7.65 1.06 13.55
N LEU B 193 -6.84 1.27 14.57
CA LEU B 193 -5.46 1.78 14.41
C LEU B 193 -4.52 0.67 14.01
N THR B 194 -3.42 1.05 13.37
CA THR B 194 -2.32 0.14 13.03
C THR B 194 -1.90 -0.67 14.26
N THR B 195 -1.94 -0.03 15.42
CA THR B 195 -1.50 -0.64 16.69
C THR B 195 -2.59 -1.48 17.36
N GLY B 196 -3.79 -1.49 16.77
CA GLY B 196 -4.82 -2.46 17.18
C GLY B 196 -6.05 -1.93 17.89
N GLU B 197 -5.97 -0.70 18.41
CA GLU B 197 -7.09 -0.10 19.17
C GLU B 197 -8.19 0.41 18.24
N LEU B 198 -9.40 0.54 18.78
CA LEU B 198 -10.50 1.21 18.09
C LEU B 198 -10.61 2.62 18.61
N VAL B 199 -10.92 3.57 17.72
CA VAL B 199 -11.19 4.95 18.11
C VAL B 199 -12.50 5.40 17.48
N ILE B 200 -13.43 5.82 18.32
CA ILE B 200 -14.73 6.32 17.86
C ILE B 200 -14.86 7.80 18.23
N PRO B 201 -15.09 8.68 17.25
CA PRO B 201 -15.17 10.11 17.58
C PRO B 201 -16.54 10.43 18.18
N ALA B 202 -16.57 11.29 19.20
CA ALA B 202 -17.81 11.72 19.81
C ALA B 202 -17.68 13.18 20.24
N MET B 203 -18.78 13.72 20.76
CA MET B 203 -18.78 15.10 21.27
C MET B 203 -17.73 15.25 22.38
N GLY B 204 -16.78 16.16 22.17
CA GLY B 204 -15.80 16.51 23.21
C GLY B 204 -14.85 15.41 23.64
N ARG B 205 -14.83 14.29 22.91
CA ARG B 205 -14.06 13.13 23.36
C ARG B 205 -13.93 12.09 22.26
N ASN B 206 -12.91 11.24 22.39
CA ASN B 206 -12.87 9.97 21.67
C ASN B 206 -13.25 8.84 22.61
N ILE B 207 -13.88 7.80 22.06
CA ILE B 207 -14.12 6.56 22.81
C ILE B 207 -13.11 5.58 22.27
N ILE B 208 -12.33 4.98 23.16
CA ILE B 208 -11.23 4.09 22.77
C ILE B 208 -11.58 2.67 23.15
N GLY B 209 -11.45 1.79 22.19
CA GLY B 209 -11.64 0.36 22.43
C GLY B 209 -10.31 -0.36 22.44
N ARG B 210 -10.09 -1.16 23.48
CA ARG B 210 -8.86 -1.94 23.61
C ARG B 210 -9.22 -3.39 23.93
N GLY B 211 -8.29 -4.29 23.65
CA GLY B 211 -8.42 -5.70 23.99
C GLY B 211 -8.82 -6.54 22.80
N ALA B 212 -9.48 -7.65 23.09
CA ALA B 212 -9.84 -8.65 22.10
C ALA B 212 -10.85 -8.10 21.08
N PRO B 213 -10.56 -8.27 19.77
CA PRO B 213 -11.54 -7.86 18.75
C PRO B 213 -12.96 -8.38 18.98
N GLY B 214 -13.92 -7.48 18.93
CA GLY B 214 -15.31 -7.89 19.17
C GLY B 214 -15.67 -8.13 20.62
N ASN B 215 -14.69 -8.00 21.51
CA ASN B 215 -14.95 -8.02 22.95
CA ASN B 215 -14.93 -8.01 22.95
C ASN B 215 -14.09 -6.94 23.62
N ARG B 216 -14.13 -5.75 23.05
CA ARG B 216 -13.36 -4.62 23.51
C ARG B 216 -13.83 -4.09 24.86
N THR B 217 -12.90 -3.50 25.60
CA THR B 217 -13.25 -2.64 26.73
C THR B 217 -13.08 -1.17 26.29
N TRP B 218 -13.95 -0.33 26.83
CA TRP B 218 -14.06 1.05 26.35
C TRP B 218 -13.61 2.02 27.41
N SER B 219 -13.00 3.10 26.97
CA SER B 219 -12.64 4.20 27.86
C SER B 219 -12.82 5.51 27.11
N VAL B 220 -12.78 6.61 27.84
CA VAL B 220 -13.00 7.92 27.26
C VAL B 220 -11.70 8.70 27.26
N GLN B 221 -11.37 9.28 26.11
CA GLN B 221 -10.28 10.26 26.00
C GLN B 221 -10.90 11.63 25.80
N ARG B 222 -10.89 12.47 26.84
CA ARG B 222 -11.49 13.80 26.73
C ARG B 222 -10.62 14.71 25.88
N LEU B 223 -11.28 15.56 25.09
CA LEU B 223 -10.58 16.44 24.16
C LEU B 223 -10.98 17.88 24.31
N SER B 224 -10.02 18.69 24.73
CA SER B 224 -10.24 20.11 24.89
C SER B 224 -10.42 20.81 23.55
N GLY B 225 -11.56 21.45 23.38
CA GLY B 225 -11.87 22.21 22.14
C GLY B 225 -12.49 21.41 21.00
N ALA B 226 -12.72 20.11 21.20
CA ALA B 226 -13.41 19.30 20.19
C ALA B 226 -14.85 19.76 20.00
N GLY B 227 -15.38 19.49 18.81
CA GLY B 227 -16.77 19.80 18.50
C GLY B 227 -17.77 18.75 18.95
N ALA B 228 -19.02 18.98 18.62
CA ALA B 228 -20.12 18.02 18.87
C ALA B 228 -20.07 16.87 17.86
N GLU B 229 -19.81 17.20 16.60
CA GLU B 229 -19.76 16.20 15.52
C GLU B 229 -18.35 16.09 14.96
N GLY B 230 -17.64 15.05 15.40
CA GLY B 230 -16.23 14.89 15.02
C GLY B 230 -15.99 13.76 14.05
N THR B 231 -14.83 13.81 13.40
CA THR B 231 -14.33 12.72 12.56
C THR B 231 -12.93 12.39 13.04
N ILE B 232 -12.50 11.15 12.83
CA ILE B 232 -11.17 10.71 13.23
C ILE B 232 -10.55 9.92 12.06
N VAL B 233 -9.24 10.12 11.88
CA VAL B 233 -8.47 9.27 10.99
C VAL B 233 -7.09 9.10 11.60
N GLN B 234 -6.44 8.01 11.22
CA GLN B 234 -5.02 7.86 11.51
C GLN B 234 -4.25 8.29 10.25
N THR B 235 -3.44 9.32 10.40
CA THR B 235 -2.68 9.87 9.26
C THR B 235 -1.49 8.95 8.95
N PRO B 236 -0.83 9.15 7.78
CA PRO B 236 0.24 8.21 7.41
C PRO B 236 1.41 8.14 8.40
N ASP B 237 1.66 9.22 9.13
CA ASP B 237 2.67 9.23 10.19
C ASP B 237 2.29 8.40 11.42
N GLY B 238 1.11 7.80 11.41
CA GLY B 238 0.64 6.94 12.51
C GLY B 238 -0.07 7.68 13.63
N LYS B 239 -0.06 9.02 13.56
CA LYS B 239 -0.76 9.83 14.57
C LYS B 239 -2.27 9.91 14.30
N LEU B 240 -2.99 10.47 15.28
CA LEU B 240 -4.43 10.66 15.16
C LEU B 240 -4.73 12.09 14.69
N TYR B 241 -5.89 12.24 14.04
CA TYR B 241 -6.29 13.51 13.42
C TYR B 241 -7.80 13.61 13.64
N ARG B 242 -8.22 14.63 14.41
CA ARG B 242 -9.64 14.96 14.57
C ARG B 242 -9.96 16.09 13.63
N ASN B 243 -11.04 15.94 12.89
CA ASN B 243 -11.48 16.97 11.97
C ASN B 243 -12.96 17.17 12.23
N ASP B 244 -13.29 18.27 12.90
CA ASP B 244 -14.60 18.48 13.48
C ASP B 244 -15.44 19.57 12.81
N ARG B 245 -16.76 19.40 12.89
CA ARG B 245 -17.69 20.46 12.53
C ARG B 245 -17.56 21.66 13.47
N PRO B 246 -17.30 22.85 12.90
CA PRO B 246 -17.17 24.04 13.74
C PRO B 246 -18.50 24.47 14.33
N SER B 247 -18.44 25.20 15.45
CA SER B 247 -19.66 25.70 16.09
C SER B 247 -20.34 26.82 15.28
N GLN B 248 -19.54 27.53 14.49
CA GLN B 248 -20.04 28.59 13.62
C GLN B 248 -19.50 28.37 12.22
N LYS B 249 -20.23 28.82 11.22
CA LYS B 249 -19.83 28.70 9.82
C LYS B 249 -18.43 29.26 9.59
N GLY B 250 -17.63 28.55 8.81
CA GLY B 250 -16.31 29.02 8.40
C GLY B 250 -15.42 27.91 7.88
N TYR B 251 -14.85 27.14 8.82
CA TYR B 251 -13.80 26.18 8.47
C TYR B 251 -13.86 24.99 9.39
N ARG B 252 -13.38 23.84 8.89
CA ARG B 252 -13.22 22.66 9.72
C ARG B 252 -12.26 22.95 10.86
N MET B 253 -12.46 22.30 12.00
CA MET B 253 -11.61 22.45 13.16
C MET B 253 -10.79 21.20 13.34
N VAL B 254 -9.47 21.35 13.36
CA VAL B 254 -8.58 20.21 13.27
C VAL B 254 -7.63 20.18 14.46
N ALA B 255 -7.45 18.99 15.04
CA ALA B 255 -6.43 18.77 16.07
C ALA B 255 -5.70 17.46 15.79
N ARG B 256 -4.46 17.36 16.25
CA ARG B 256 -3.66 16.16 16.05
C ARG B 256 -3.13 15.64 17.38
N GLY B 257 -2.83 14.35 17.43
CA GLY B 257 -2.44 13.76 18.70
C GLY B 257 -2.26 12.28 18.63
N THR B 258 -2.27 11.64 19.81
CA THR B 258 -2.08 10.19 19.93
C THR B 258 -3.02 9.71 21.04
N LEU B 259 -2.94 8.43 21.39
CA LEU B 259 -3.77 7.95 22.50
C LEU B 259 -3.35 8.54 23.85
N GLU B 260 -2.19 9.21 23.85
CA GLU B 260 -1.61 9.84 25.05
CA GLU B 260 -1.62 9.84 25.05
C GLU B 260 -2.08 11.30 25.22
N GLY B 261 -2.65 11.87 24.15
CA GLY B 261 -3.17 13.23 24.21
C GLY B 261 -3.17 13.96 22.87
N PHE B 262 -3.93 15.04 22.81
CA PHE B 262 -4.09 15.88 21.62
C PHE B 262 -3.62 17.31 21.86
N GLY B 263 -3.13 17.95 20.80
CA GLY B 263 -2.94 19.41 20.79
C GLY B 263 -4.26 20.13 20.60
N ALA B 264 -4.18 21.46 20.56
CA ALA B 264 -5.36 22.31 20.44
C ALA B 264 -6.02 22.16 19.07
N PHE B 265 -7.33 22.39 19.04
CA PHE B 265 -8.06 22.54 17.79
C PHE B 265 -7.86 23.93 17.22
N ALA B 266 -7.71 23.99 15.90
CA ALA B 266 -7.59 25.25 15.18
C ALA B 266 -8.26 25.13 13.81
N PRO B 267 -8.84 26.24 13.31
CA PRO B 267 -9.46 26.22 11.99
C PRO B 267 -8.46 25.83 10.91
N ASP B 268 -8.89 25.02 9.95
CA ASP B 268 -8.07 24.67 8.82
C ASP B 268 -8.53 25.52 7.65
N ALA B 269 -7.77 26.57 7.37
CA ALA B 269 -8.08 27.52 6.30
C ALA B 269 -8.22 26.89 4.91
N GLY B 270 -7.70 25.68 4.75
CA GLY B 270 -7.80 24.96 3.49
C GLY B 270 -9.12 24.23 3.30
N LEU B 271 -9.92 24.14 4.36
CA LEU B 271 -11.17 23.34 4.37
C LEU B 271 -12.36 24.18 4.85
N PRO B 272 -12.90 25.03 3.95
CA PRO B 272 -14.11 25.77 4.33
C PRO B 272 -15.26 24.82 4.66
N ASP B 273 -16.10 25.23 5.59
CA ASP B 273 -17.24 24.41 6.01
C ASP B 273 -18.38 25.32 6.46
N PRO B 274 -19.63 24.93 6.20
CA PRO B 274 -20.75 25.82 6.54
C PRO B 274 -21.42 25.46 7.87
N ALA B 275 -20.64 24.86 8.78
CA ALA B 275 -21.14 24.25 10.01
C ALA B 275 -22.05 23.06 9.66
N CYS B 276 -21.40 22.01 9.16
CA CYS B 276 -22.06 20.78 8.77
C CYS B 276 -21.12 19.62 9.04
N GLN B 277 -21.66 18.42 9.17
CA GLN B 277 -20.82 17.24 9.32
C GLN B 277 -19.98 16.99 8.07
N GLY B 278 -18.82 16.35 8.27
CA GLY B 278 -17.95 15.92 7.19
C GLY B 278 -17.54 14.48 7.40
N SER B 279 -16.71 13.97 6.49
CA SER B 279 -16.21 12.63 6.61
C SER B 279 -14.77 12.55 6.14
N VAL B 280 -14.04 11.58 6.71
CA VAL B 280 -12.61 11.39 6.41
C VAL B 280 -12.30 9.89 6.35
N LEU B 281 -11.33 9.52 5.51
CA LEU B 281 -11.02 8.11 5.31
C LEU B 281 -9.53 7.88 5.08
N ARG B 282 -8.95 6.90 5.78
CA ARG B 282 -7.62 6.41 5.47
C ARG B 282 -7.76 5.43 4.29
N TYR B 283 -7.31 5.87 3.12
CA TYR B 283 -7.47 5.06 1.90
C TYR B 283 -6.42 3.95 1.79
N ASN B 284 -5.17 4.32 1.99
CA ASN B 284 -4.08 3.35 1.86
C ASN B 284 -2.84 3.87 2.54
N SER B 285 -1.96 2.94 2.90
CA SER B 285 -0.70 3.26 3.58
C SER B 285 0.56 3.06 2.72
N ASP B 286 0.44 2.27 1.66
CA ASP B 286 1.49 2.07 0.66
CA ASP B 286 1.56 2.10 0.75
C ASP B 286 1.75 3.36 -0.12
N ALA B 287 2.92 3.47 -0.74
CA ALA B 287 3.21 4.64 -1.58
C ALA B 287 2.26 4.75 -2.77
N PRO B 288 1.67 5.95 -2.98
CA PRO B 288 1.71 7.11 -2.07
C PRO B 288 0.54 7.01 -1.09
N ALA B 289 0.79 7.22 0.19
CA ALA B 289 -0.26 7.13 1.20
C ALA B 289 -1.29 8.24 0.97
N ARG B 290 -2.57 7.93 1.17
CA ARG B 290 -3.64 8.89 0.91
C ARG B 290 -4.67 8.92 2.02
N THR B 291 -5.04 10.14 2.40
CA THR B 291 -6.22 10.40 3.24
C THR B 291 -7.24 11.08 2.35
N ILE B 292 -8.51 10.67 2.46
CA ILE B 292 -9.59 11.26 1.70
C ILE B 292 -10.47 12.11 2.63
N PHE B 293 -10.94 13.25 2.15
CA PHE B 293 -11.86 14.09 2.93
C PHE B 293 -13.06 14.50 2.09
N LEU B 294 -14.22 14.62 2.72
CA LEU B 294 -15.45 15.01 2.02
C LEU B 294 -16.29 15.89 2.92
N ASN B 295 -16.66 17.05 2.38
CA ASN B 295 -17.60 17.95 3.06
C ASN B 295 -18.18 18.90 2.03
N SER B 296 -19.02 19.82 2.46
CA SER B 296 -19.42 20.93 1.60
C SER B 296 -18.37 22.03 1.69
N ALA B 297 -17.64 22.23 0.58
CA ALA B 297 -16.50 23.16 0.57
C ALA B 297 -17.01 24.60 0.36
N SER B 298 -17.67 25.12 1.39
CA SER B 298 -18.26 26.45 1.34
C SER B 298 -18.38 26.94 2.77
N GLY B 299 -18.21 28.24 2.96
CA GLY B 299 -18.45 28.84 4.26
C GLY B 299 -19.92 29.09 4.56
N THR B 300 -20.79 28.87 3.57
CA THR B 300 -22.21 29.25 3.70
C THR B 300 -23.23 28.17 3.32
N SER B 301 -22.89 27.35 2.32
CA SER B 301 -23.84 26.43 1.71
C SER B 301 -23.46 24.96 1.92
N ARG B 302 -24.47 24.11 2.08
CA ARG B 302 -24.26 22.66 2.14
C ARG B 302 -24.24 22.02 0.75
N ARG B 303 -24.44 22.82 -0.28
CA ARG B 303 -24.55 22.32 -1.65
C ARG B 303 -23.27 22.46 -2.45
N ALA B 304 -22.12 22.32 -1.78
CA ALA B 304 -20.83 22.43 -2.45
C ALA B 304 -19.95 21.21 -2.18
N MET B 305 -20.54 20.02 -2.25
CA MET B 305 -19.82 18.81 -1.89
C MET B 305 -18.55 18.65 -2.73
N ARG B 306 -17.45 18.35 -2.04
CA ARG B 306 -16.15 18.23 -2.67
C ARG B 306 -15.40 17.12 -1.97
N VAL B 307 -14.91 16.16 -2.75
CA VAL B 307 -14.06 15.08 -2.25
C VAL B 307 -12.61 15.43 -2.56
N ARG B 308 -11.70 15.19 -1.61
CA ARG B 308 -10.30 15.61 -1.74
C ARG B 308 -9.34 14.54 -1.27
N ILE B 309 -8.09 14.66 -1.72
CA ILE B 309 -7.00 13.76 -1.30
C ILE B 309 -5.87 14.55 -0.63
N SER B 310 -5.34 14.03 0.47
CA SER B 310 -4.07 14.54 1.03
C SER B 310 -3.01 13.45 0.96
N TYR B 311 -1.82 13.84 0.48
CA TYR B 311 -0.64 12.97 0.50
C TYR B 311 0.27 13.25 1.68
N ASP B 312 -0.09 14.21 2.53
CA ASP B 312 0.78 14.62 3.64
C ASP B 312 0.76 13.62 4.79
N ALA B 313 1.89 13.46 5.45
CA ALA B 313 2.00 12.47 6.53
C ALA B 313 1.13 12.84 7.71
N ASP B 314 0.80 14.12 7.82
CA ASP B 314 -0.05 14.65 8.87
C ASP B 314 -1.38 15.20 8.32
N ALA B 315 -1.65 14.92 7.06
CA ALA B 315 -2.81 15.49 6.35
C ALA B 315 -2.91 17.01 6.52
N LYS B 316 -1.77 17.69 6.41
CA LYS B 316 -1.75 19.16 6.54
C LYS B 316 -2.59 19.84 5.45
N LYS B 317 -2.42 19.41 4.21
CA LYS B 317 -3.07 20.05 3.07
C LYS B 317 -3.74 19.03 2.16
N PHE B 318 -4.97 19.34 1.75
CA PHE B 318 -5.71 18.56 0.76
C PHE B 318 -5.69 19.25 -0.60
N ASN B 319 -5.81 18.48 -1.67
CA ASN B 319 -5.90 19.08 -3.01
C ASN B 319 -7.28 19.69 -3.22
N TYR B 320 -7.47 20.34 -4.37
CA TYR B 320 -8.79 20.87 -4.73
C TYR B 320 -9.80 19.72 -4.73
N GLY B 321 -9.41 18.58 -5.31
CA GLY B 321 -10.26 17.41 -5.38
C GLY B 321 -11.25 17.50 -6.51
N ARG B 322 -12.49 17.07 -6.25
CA ARG B 322 -13.51 17.16 -7.28
C ARG B 322 -14.88 17.42 -6.68
N LYS B 323 -15.61 18.32 -7.33
CA LYS B 323 -16.99 18.59 -6.97
C LYS B 323 -17.84 17.39 -7.38
N LEU B 324 -18.69 16.92 -6.47
CA LEU B 324 -19.60 15.82 -6.79
C LEU B 324 -20.59 16.15 -7.89
N GLU B 325 -20.89 17.45 -8.03
CA GLU B 325 -21.80 17.93 -9.07
CA GLU B 325 -21.80 17.93 -9.07
C GLU B 325 -21.29 17.62 -10.48
N ASP B 326 -19.99 17.34 -10.60
CA ASP B 326 -19.42 16.91 -11.89
C ASP B 326 -20.03 15.58 -12.34
N ALA B 327 -20.57 14.82 -11.40
CA ALA B 327 -21.29 13.58 -11.69
C ALA B 327 -22.65 13.65 -11.00
N LYS B 328 -23.47 14.59 -11.45
CA LYS B 328 -24.75 14.91 -10.83
C LYS B 328 -25.74 13.75 -10.85
N VAL B 329 -26.53 13.64 -9.78
CA VAL B 329 -27.65 12.70 -9.76
C VAL B 329 -28.90 13.52 -10.08
N SER B 330 -29.77 12.96 -10.90
CA SER B 330 -31.07 13.59 -11.17
C SER B 330 -32.20 12.85 -10.48
N GLY B 331 -33.21 13.60 -10.05
CA GLY B 331 -34.41 13.02 -9.47
C GLY B 331 -34.34 12.74 -7.98
N ALA B 332 -33.29 13.22 -7.33
CA ALA B 332 -33.11 12.94 -5.92
C ALA B 332 -32.87 14.22 -5.12
N GLY B 333 -33.36 15.36 -5.62
CA GLY B 333 -33.23 16.62 -4.92
C GLY B 333 -31.88 17.29 -5.12
N HIS B 334 -31.60 18.28 -4.28
CA HIS B 334 -30.33 18.99 -4.32
C HIS B 334 -29.32 18.27 -3.43
N GLU B 335 -28.26 17.73 -4.03
CA GLU B 335 -27.25 17.03 -3.26
C GLU B 335 -26.48 17.96 -2.35
N GLY B 336 -26.23 17.49 -1.13
CA GLY B 336 -25.41 18.24 -0.21
C GLY B 336 -25.85 18.10 1.23
N GLY B 337 -24.89 17.86 2.11
CA GLY B 337 -25.15 17.73 3.53
C GLY B 337 -24.17 16.77 4.16
N TYR B 338 -24.65 15.99 5.12
CA TYR B 338 -23.82 15.00 5.81
C TYR B 338 -23.34 13.94 4.82
N SER B 339 -22.21 13.32 5.15
CA SER B 339 -21.65 12.31 4.27
C SER B 339 -20.89 11.25 5.06
N SER B 340 -20.60 10.14 4.40
CA SER B 340 -19.82 9.06 5.01
C SER B 340 -19.10 8.33 3.89
N MET B 341 -17.85 7.94 4.13
CA MET B 341 -17.06 7.21 3.12
C MET B 341 -16.47 5.93 3.64
N THR B 342 -16.34 4.97 2.73
CA THR B 342 -15.61 3.74 2.97
C THR B 342 -14.82 3.42 1.69
N LYS B 343 -13.87 2.51 1.81
CA LYS B 343 -13.16 1.97 0.65
C LYS B 343 -13.81 0.64 0.31
N THR B 344 -14.24 0.48 -0.93
CA THR B 344 -14.95 -0.73 -1.34
C THR B 344 -13.98 -1.88 -1.63
N GLY B 345 -14.53 -3.10 -1.72
CA GLY B 345 -13.73 -4.27 -2.04
C GLY B 345 -13.05 -4.21 -3.39
N ASP B 346 -13.64 -3.43 -4.32
CA ASP B 346 -13.02 -3.25 -5.64
C ASP B 346 -12.26 -1.93 -5.77
N TYR B 347 -11.78 -1.43 -4.63
CA TYR B 347 -10.84 -0.31 -4.61
C TYR B 347 -11.48 0.93 -5.24
N LYS B 348 -12.68 1.23 -4.78
CA LYS B 348 -13.34 2.51 -5.06
C LYS B 348 -13.55 3.22 -3.73
N ILE B 349 -13.77 4.53 -3.81
CA ILE B 349 -14.33 5.26 -2.67
C ILE B 349 -15.84 5.11 -2.81
N GLY B 350 -16.47 4.63 -1.73
CA GLY B 350 -17.91 4.53 -1.65
C GLY B 350 -18.38 5.59 -0.70
N ALA B 351 -19.28 6.46 -1.16
CA ALA B 351 -19.72 7.59 -0.34
C ALA B 351 -21.24 7.65 -0.27
N LEU B 352 -21.76 7.85 0.92
CA LEU B 352 -23.16 8.26 1.09
C LEU B 352 -23.21 9.76 1.28
N VAL B 353 -24.15 10.41 0.59
CA VAL B 353 -24.29 11.86 0.65
C VAL B 353 -25.76 12.25 0.75
N GLU B 354 -26.08 13.09 1.73
CA GLU B 354 -27.43 13.62 1.86
C GLU B 354 -27.86 14.46 0.66
N SER B 355 -29.16 14.46 0.41
CA SER B 355 -29.78 15.36 -0.57
CA SER B 355 -29.80 15.32 -0.59
C SER B 355 -31.10 15.86 -0.01
N ASP B 356 -31.56 16.98 -0.55
CA ASP B 356 -32.71 17.69 -0.01
C ASP B 356 -33.57 18.18 -1.15
N PHE B 357 -34.83 17.71 -1.21
CA PHE B 357 -35.75 18.18 -2.24
C PHE B 357 -36.14 19.63 -2.06
N PHE B 358 -36.11 20.10 -0.82
CA PHE B 358 -36.26 21.52 -0.50
C PHE B 358 -37.64 22.04 -0.87
N ASN B 359 -38.62 21.15 -0.93
CA ASN B 359 -40.01 21.51 -1.25
C ASN B 359 -40.71 22.36 -0.19
N ASP B 360 -40.09 22.48 0.98
CA ASP B 360 -40.64 23.30 2.05
C ASP B 360 -39.50 24.18 2.57
N GLY B 361 -38.53 24.42 1.68
CA GLY B 361 -37.34 25.19 2.07
C GLY B 361 -36.63 24.56 3.25
N THR B 362 -36.28 25.37 4.25
CA THR B 362 -35.63 24.85 5.45
C THR B 362 -36.61 24.20 6.43
N GLY B 363 -37.90 24.21 6.09
CA GLY B 363 -38.95 23.70 6.98
C GLY B 363 -39.08 22.19 7.04
N LYS B 364 -39.95 21.74 7.93
CA LYS B 364 -39.98 20.34 8.33
C LYS B 364 -40.46 19.37 7.27
N ASN B 365 -41.10 19.88 6.22
CA ASN B 365 -41.68 18.99 5.24
C ASN B 365 -40.80 18.78 4.02
N SER B 366 -39.60 19.37 4.00
CA SER B 366 -38.68 19.12 2.89
C SER B 366 -38.15 17.70 2.94
N TYR B 367 -38.44 16.92 1.90
CA TYR B 367 -38.04 15.53 1.86
C TYR B 367 -36.54 15.38 1.72
N ARG B 368 -35.96 14.48 2.50
CA ARG B 368 -34.51 14.26 2.50
CA ARG B 368 -34.53 14.27 2.49
C ARG B 368 -34.21 12.84 2.05
N ALA B 369 -33.28 12.71 1.11
CA ALA B 369 -32.87 11.41 0.61
C ALA B 369 -31.36 11.24 0.75
N ILE B 370 -30.87 10.03 0.51
CA ILE B 370 -29.43 9.77 0.57
C ILE B 370 -28.96 9.09 -0.70
N ILE B 371 -27.91 9.67 -1.28
CA ILE B 371 -27.27 9.21 -2.51
CA ILE B 371 -27.28 9.20 -2.51
C ILE B 371 -26.09 8.30 -2.17
N TRP B 372 -25.93 7.24 -2.95
CA TRP B 372 -24.74 6.40 -2.90
C TRP B 372 -23.89 6.63 -4.15
N ARG B 373 -22.60 6.86 -3.92
CA ARG B 373 -21.64 7.09 -5.00
C ARG B 373 -20.47 6.13 -4.88
N ARG B 374 -19.99 5.67 -6.02
CA ARG B 374 -18.73 4.97 -6.11
C ARG B 374 -17.91 5.70 -7.12
N PHE B 375 -16.66 5.96 -6.79
CA PHE B 375 -15.73 6.55 -7.76
C PHE B 375 -14.30 6.11 -7.46
N ASN B 376 -13.48 6.02 -8.49
CA ASN B 376 -12.07 5.72 -8.29
C ASN B 376 -11.22 6.97 -8.06
N LEU B 377 -9.98 6.76 -7.65
CA LEU B 377 -9.06 7.86 -7.43
C LEU B 377 -8.87 8.65 -8.72
N SER B 378 -8.84 7.95 -9.84
CA SER B 378 -8.69 8.61 -11.14
C SER B 378 -9.78 9.63 -11.40
N TRP B 379 -11.02 9.31 -11.04
CA TRP B 379 -12.13 10.25 -11.26
C TRP B 379 -11.86 11.54 -10.49
N ILE B 380 -11.37 11.43 -9.26
CA ILE B 380 -11.00 12.63 -8.51
C ILE B 380 -9.85 13.38 -9.18
N LEU B 381 -8.78 12.65 -9.50
CA LEU B 381 -7.53 13.23 -10.00
C LEU B 381 -7.66 13.88 -11.39
N ASN B 382 -8.61 13.39 -12.19
CA ASN B 382 -8.80 13.91 -13.55
C ASN B 382 -9.82 15.06 -13.62
N GLY B 383 -10.32 15.47 -12.47
CA GLY B 383 -11.13 16.69 -12.40
C GLY B 383 -10.22 17.90 -12.50
N PRO B 384 -10.80 19.08 -12.77
CA PRO B 384 -9.98 20.30 -12.89
C PRO B 384 -9.32 20.76 -11.58
N ASN B 385 -8.22 21.52 -11.69
CA ASN B 385 -7.51 22.15 -10.56
C ASN B 385 -6.59 21.23 -9.73
N ASN B 386 -6.24 20.07 -10.27
CA ASN B 386 -5.37 19.14 -9.56
C ASN B 386 -4.03 18.96 -10.28
#